data_7BXA
#
_entry.id   7BXA
#
_cell.length_a   64.615
_cell.length_b   73.081
_cell.length_c   276.388
_cell.angle_alpha   90.000
_cell.angle_beta   90.000
_cell.angle_gamma   90.000
#
_symmetry.space_group_name_H-M   'P 21 21 21'
#
loop_
_entity.id
_entity.type
_entity.pdbx_description
1 polymer 'Programmed cell death protein 1'
2 polymer 'heavy chain'
3 polymer 'light chain'
#
loop_
_entity_poly.entity_id
_entity_poly.type
_entity_poly.pdbx_seq_one_letter_code
_entity_poly.pdbx_strand_id
1 'polypeptide(L)'
;DRPWNPPTFSPALLVVTEGDNATFTCSFSNTSESFVLNWYRMSPSNQTDKLAAFPEDRSQPGQDSRFRVTQLPNGRDFHM
SVVRARRNDSGTYLCGAISLAPKAQIKESLRAELRVTERRAELEHHHHHH
;
A,P
2 'polypeptide(L)'
;QVQLQESGPGLVKPSETLSLTCTVSGFSLTSYGVHWIRQPPGKGLEWIGVIYADGSTNYNPSLKSRVTISKDTSKNQVSL
KLSSVTAADTAVYYCARAYGNYWYIDVWGQGTTVTVSSASTKGPSVFPLAPCSKSTSGGTAALGCLVKDYFPEPVTVSWN
SGALTSGVHTFPAVLQSSGLYSLSSVVTVPSSSLGTKTYTCNVDHKPSNTKVDKRVESKYCDKTHHHHHH
;
B,H
3 'polypeptide(L)'
;DIVMTQSPDSLAVSLGERATINCKSSESVSNDVAWYQQKPGQPPKLLINYAFHRFTGVPDRFSGSGYGTDFTLTISSLQA
EDVAVYYCHQAYSSPYTFGQGTKLEIKRTVAAPSVFIFPPSDEQLKSGTASVVCLLNNFYPREAKVQWKVDNALQSGNSQ
ESVTEQDSKDSTYSLSSTLTLSKADYEKHKVYACEVTHQGLSSPVTKSFNRGEC
;
C,L
#
# COMPACT_ATOMS: atom_id res chain seq x y z
N ASN A 5 12.20 -8.66 -26.34
CA ASN A 5 11.50 -9.36 -27.40
C ASN A 5 10.75 -10.56 -26.85
N PRO A 6 9.43 -10.54 -26.96
CA PRO A 6 8.62 -11.63 -26.44
C PRO A 6 8.38 -12.69 -27.52
N PRO A 7 7.80 -13.83 -27.15
CA PRO A 7 7.53 -14.87 -28.14
C PRO A 7 6.24 -14.58 -28.90
N THR A 8 6.05 -15.31 -29.99
CA THR A 8 4.86 -15.19 -30.80
C THR A 8 3.99 -16.42 -30.61
N PHE A 9 2.72 -16.30 -30.99
CA PHE A 9 1.80 -17.42 -30.86
C PHE A 9 0.76 -17.24 -31.97
N SER A 10 0.95 -17.98 -33.06
CA SER A 10 0.08 -17.94 -34.22
C SER A 10 -0.60 -19.28 -34.45
N PRO A 11 -1.78 -19.30 -35.07
CA PRO A 11 -2.51 -18.12 -35.55
C PRO A 11 -3.33 -17.45 -34.45
N ALA A 12 -3.72 -16.20 -34.69
CA ALA A 12 -4.52 -15.48 -33.71
C ALA A 12 -5.85 -16.19 -33.44
N LEU A 13 -6.39 -16.86 -34.44
CA LEU A 13 -7.64 -17.59 -34.34
C LEU A 13 -7.44 -18.92 -35.04
N LEU A 14 -7.88 -20.01 -34.40
CA LEU A 14 -7.73 -21.35 -34.95
C LEU A 14 -9.04 -22.10 -34.81
N VAL A 15 -9.78 -22.23 -35.90
CA VAL A 15 -11.07 -22.92 -35.91
C VAL A 15 -10.87 -24.31 -36.50
N VAL A 16 -11.09 -25.34 -35.67
CA VAL A 16 -10.98 -26.73 -36.06
C VAL A 16 -12.29 -27.41 -35.68
N THR A 17 -12.51 -28.60 -36.22
CA THR A 17 -13.74 -29.30 -35.90
C THR A 17 -13.51 -30.21 -34.69
N GLU A 18 -14.56 -30.92 -34.30
CA GLU A 18 -14.52 -31.80 -33.14
C GLU A 18 -13.94 -33.16 -33.52
N GLY A 19 -12.70 -33.40 -33.12
CA GLY A 19 -12.07 -34.68 -33.42
C GLY A 19 -10.68 -34.68 -34.02
N ASP A 20 -10.38 -33.68 -34.86
CA ASP A 20 -9.07 -33.63 -35.50
C ASP A 20 -8.08 -32.83 -34.65
N ASN A 21 -6.87 -32.69 -35.16
CA ASN A 21 -5.81 -31.97 -34.47
C ASN A 21 -6.00 -30.46 -34.59
N ALA A 22 -5.21 -29.75 -33.79
CA ALA A 22 -5.18 -28.29 -33.74
C ALA A 22 -3.77 -27.93 -33.30
N THR A 23 -3.05 -27.18 -34.12
CA THR A 23 -1.67 -26.84 -33.82
C THR A 23 -1.38 -25.36 -33.95
N PHE A 24 -0.70 -24.82 -32.94
CA PHE A 24 -0.26 -23.43 -32.88
C PHE A 24 1.24 -23.41 -33.12
N THR A 25 1.77 -22.22 -33.40
CA THR A 25 3.20 -22.07 -33.66
C THR A 25 3.76 -20.97 -32.77
N CYS A 26 4.57 -21.36 -31.79
CA CYS A 26 5.20 -20.42 -30.85
C CYS A 26 6.62 -20.14 -31.34
N SER A 27 6.83 -18.95 -31.89
CA SER A 27 8.13 -18.56 -32.43
C SER A 27 8.91 -17.77 -31.38
N PHE A 28 9.97 -18.38 -30.84
CA PHE A 28 10.80 -17.71 -29.85
C PHE A 28 12.20 -18.29 -29.84
N SER A 29 13.17 -17.38 -29.84
CA SER A 29 14.59 -17.73 -29.79
C SER A 29 15.26 -16.46 -29.27
N ASN A 30 15.78 -16.52 -28.05
CA ASN A 30 16.36 -15.35 -27.41
C ASN A 30 17.85 -15.18 -27.72
N THR A 31 18.46 -14.23 -27.03
CA THR A 31 19.86 -13.85 -27.13
C THR A 31 20.81 -14.78 -26.40
N SER A 32 20.29 -15.71 -25.60
CA SER A 32 21.11 -16.64 -24.85
C SER A 32 20.98 -18.09 -25.30
N GLU A 33 19.83 -18.45 -25.87
CA GLU A 33 19.53 -19.80 -26.35
C GLU A 33 19.40 -20.81 -25.22
N SER A 34 19.25 -20.33 -23.98
CA SER A 34 19.06 -21.16 -22.79
C SER A 34 17.67 -20.75 -22.34
N PHE A 35 16.67 -21.45 -22.84
CA PHE A 35 15.28 -21.13 -22.54
C PHE A 35 14.44 -22.38 -22.38
N VAL A 36 13.31 -22.19 -21.70
CA VAL A 36 12.31 -23.22 -21.43
C VAL A 36 10.96 -22.54 -21.57
N LEU A 37 10.21 -22.88 -22.61
CA LEU A 37 8.92 -22.26 -22.86
C LEU A 37 7.78 -23.19 -22.45
N ASN A 38 6.74 -22.59 -21.88
CA ASN A 38 5.55 -23.30 -21.44
C ASN A 38 4.39 -23.01 -22.38
N TRP A 39 3.34 -23.80 -22.23
CA TRP A 39 2.13 -23.67 -23.04
C TRP A 39 0.96 -23.69 -22.05
N TYR A 40 0.45 -22.51 -21.71
CA TYR A 40 -0.66 -22.40 -20.76
C TYR A 40 -1.96 -22.03 -21.44
N ARG A 41 -3.05 -22.46 -20.82
CA ARG A 41 -4.41 -22.16 -21.25
C ARG A 41 -4.95 -21.17 -20.23
N MET A 42 -5.33 -19.98 -20.70
CA MET A 42 -5.84 -18.98 -19.78
C MET A 42 -7.32 -19.18 -19.51
N SER A 43 -7.66 -19.18 -18.23
CA SER A 43 -9.03 -19.37 -17.77
C SER A 43 -9.85 -18.10 -18.00
N PRO A 44 -11.18 -18.21 -18.00
CA PRO A 44 -12.01 -17.02 -18.17
C PRO A 44 -11.76 -15.95 -17.12
N SER A 45 -11.16 -16.29 -15.99
CA SER A 45 -10.89 -15.35 -14.91
C SER A 45 -9.40 -15.08 -14.73
N ASN A 46 -8.64 -15.18 -15.82
CA ASN A 46 -7.19 -14.94 -15.83
C ASN A 46 -6.42 -15.75 -14.78
N GLN A 47 -6.49 -17.07 -14.93
CA GLN A 47 -5.74 -17.98 -14.07
C GLN A 47 -5.24 -19.06 -15.02
N THR A 48 -3.98 -18.92 -15.44
CA THR A 48 -3.39 -19.83 -16.39
C THR A 48 -3.40 -21.28 -15.91
N ASP A 49 -3.45 -22.19 -16.87
CA ASP A 49 -3.46 -23.63 -16.63
C ASP A 49 -2.45 -24.21 -17.62
N LYS A 50 -1.24 -24.46 -17.12
CA LYS A 50 -0.18 -25.01 -17.95
C LYS A 50 -0.60 -26.35 -18.55
N LEU A 51 -0.20 -26.57 -19.80
CA LEU A 51 -0.51 -27.79 -20.52
C LEU A 51 0.73 -28.63 -20.81
N ALA A 52 1.76 -28.02 -21.41
CA ALA A 52 2.99 -28.72 -21.73
C ALA A 52 4.12 -27.69 -21.77
N ALA A 53 5.35 -28.19 -21.85
CA ALA A 53 6.53 -27.33 -21.88
C ALA A 53 7.66 -28.00 -22.63
N PHE A 54 8.58 -27.18 -23.14
CA PHE A 54 9.75 -27.67 -23.86
C PHE A 54 11.01 -27.25 -23.11
N PRO A 55 11.92 -28.18 -22.77
CA PRO A 55 11.89 -29.63 -22.99
C PRO A 55 10.72 -30.24 -22.25
N GLU A 56 10.39 -31.49 -22.59
CA GLU A 56 9.23 -32.10 -21.95
C GLU A 56 9.41 -32.20 -20.45
N ASP A 57 8.60 -31.45 -19.75
CA ASP A 57 8.63 -31.50 -18.31
C ASP A 57 7.98 -32.84 -18.00
N ARG A 58 8.83 -33.83 -17.72
CA ARG A 58 8.42 -35.23 -17.52
C ARG A 58 7.21 -35.41 -16.59
N SER A 59 7.32 -34.95 -15.35
CA SER A 59 6.24 -35.08 -14.36
C SER A 59 4.84 -34.92 -14.95
N ARG A 66 -2.28 -35.16 -24.55
CA ARG A 66 -2.84 -34.80 -25.85
C ARG A 66 -2.26 -33.48 -26.35
N PHE A 67 -1.52 -32.80 -25.47
CA PHE A 67 -0.89 -31.52 -25.80
C PHE A 67 0.57 -31.77 -26.14
N ARG A 68 0.88 -31.74 -27.43
CA ARG A 68 2.22 -31.99 -27.93
C ARG A 68 3.00 -30.69 -28.13
N VAL A 69 4.32 -30.78 -27.95
CA VAL A 69 5.22 -29.66 -28.13
C VAL A 69 6.46 -30.15 -28.86
N THR A 70 6.55 -29.87 -30.16
CA THR A 70 7.69 -30.30 -30.96
C THR A 70 8.42 -29.07 -31.49
N GLN A 71 9.75 -29.18 -31.59
CA GLN A 71 10.59 -28.11 -32.08
C GLN A 71 10.93 -28.36 -33.55
N LEU A 72 10.94 -27.30 -34.33
CA LEU A 72 11.25 -27.38 -35.75
C LEU A 72 12.74 -27.23 -35.99
N PRO A 73 13.22 -27.56 -37.19
CA PRO A 73 14.67 -27.45 -37.45
C PRO A 73 15.22 -26.04 -37.37
N ASN A 74 14.42 -25.01 -37.66
CA ASN A 74 14.93 -23.65 -37.58
C ASN A 74 15.27 -23.24 -36.15
N GLY A 75 14.73 -23.96 -35.16
CA GLY A 75 14.99 -23.67 -33.76
C GLY A 75 14.18 -22.56 -33.15
N ARG A 76 13.55 -21.71 -33.97
CA ARG A 76 12.75 -20.61 -33.43
C ARG A 76 11.27 -20.93 -33.38
N ASP A 77 10.78 -21.86 -34.19
CA ASP A 77 9.37 -22.21 -34.23
C ASP A 77 9.12 -23.53 -33.51
N PHE A 78 8.03 -23.57 -32.73
CA PHE A 78 7.64 -24.74 -31.97
C PHE A 78 6.18 -25.03 -32.23
N HIS A 79 5.88 -26.27 -32.61
CA HIS A 79 4.50 -26.67 -32.91
C HIS A 79 3.84 -27.22 -31.65
N MET A 80 2.81 -26.52 -31.17
CA MET A 80 2.04 -26.92 -30.01
C MET A 80 0.74 -27.51 -30.56
N SER A 81 0.59 -28.82 -30.45
CA SER A 81 -0.54 -29.54 -31.01
C SER A 81 -1.50 -30.08 -29.97
N VAL A 82 -2.79 -29.97 -30.27
CA VAL A 82 -3.88 -30.49 -29.46
C VAL A 82 -4.43 -31.67 -30.25
N VAL A 83 -4.04 -32.87 -29.88
CA VAL A 83 -4.47 -34.08 -30.59
C VAL A 83 -5.89 -34.44 -30.16
N ARG A 84 -6.75 -34.69 -31.16
CA ARG A 84 -8.15 -35.04 -30.94
C ARG A 84 -8.82 -33.97 -30.08
N ALA A 85 -8.87 -32.76 -30.63
CA ALA A 85 -9.44 -31.60 -29.96
C ALA A 85 -10.89 -31.80 -29.55
N ARG A 86 -11.13 -31.83 -28.24
CA ARG A 86 -12.48 -31.98 -27.72
C ARG A 86 -13.19 -30.62 -27.78
N ARG A 87 -14.52 -30.65 -27.72
CA ARG A 87 -15.27 -29.40 -27.79
C ARG A 87 -15.00 -28.51 -26.58
N ASN A 88 -14.64 -29.10 -25.44
CA ASN A 88 -14.35 -28.31 -24.25
C ASN A 88 -13.01 -27.58 -24.33
N ASP A 89 -12.18 -27.90 -25.32
CA ASP A 89 -10.88 -27.28 -25.48
C ASP A 89 -10.95 -25.85 -26.03
N SER A 90 -12.12 -25.36 -26.39
CA SER A 90 -12.23 -24.00 -26.91
C SER A 90 -11.92 -23.01 -25.80
N GLY A 91 -10.91 -22.18 -26.01
CA GLY A 91 -10.55 -21.20 -25.00
C GLY A 91 -9.33 -20.40 -25.40
N THR A 92 -8.75 -19.73 -24.40
CA THR A 92 -7.57 -18.89 -24.59
C THR A 92 -6.30 -19.70 -24.36
N TYR A 93 -5.27 -19.41 -25.17
CA TYR A 93 -3.99 -20.09 -25.07
C TYR A 93 -2.86 -19.12 -25.34
N LEU A 94 -1.71 -19.39 -24.74
CA LEU A 94 -0.52 -18.57 -24.90
C LEU A 94 0.70 -19.41 -24.55
N CYS A 95 1.86 -18.98 -25.04
CA CYS A 95 3.11 -19.69 -24.78
C CYS A 95 4.09 -18.74 -24.10
N GLY A 96 4.45 -19.06 -22.86
CA GLY A 96 5.40 -18.25 -22.13
C GLY A 96 6.82 -18.68 -22.44
N ALA A 97 7.77 -17.83 -22.07
CA ALA A 97 9.19 -18.10 -22.29
C ALA A 97 9.94 -17.69 -21.04
N ILE A 98 10.82 -18.56 -20.56
CA ILE A 98 11.59 -18.30 -19.34
C ILE A 98 13.09 -18.30 -19.68
N SER A 99 13.73 -17.18 -19.39
CA SER A 99 15.17 -17.01 -19.61
C SER A 99 15.87 -17.26 -18.28
N LEU A 100 16.83 -18.19 -18.29
CA LEU A 100 17.57 -18.53 -17.08
C LEU A 100 18.68 -17.53 -16.79
N GLN A 105 13.18 -14.28 -14.98
CA GLN A 105 12.74 -13.61 -16.20
C GLN A 105 11.79 -14.47 -17.01
N ILE A 106 10.63 -13.91 -17.36
CA ILE A 106 9.63 -14.61 -18.16
C ILE A 106 9.00 -13.61 -19.13
N LYS A 107 8.64 -14.11 -20.31
CA LYS A 107 8.04 -13.28 -21.36
C LYS A 107 6.84 -14.04 -21.91
N GLU A 108 5.67 -13.43 -21.83
CA GLU A 108 4.44 -14.05 -22.30
C GLU A 108 4.13 -13.61 -23.72
N SER A 109 3.83 -14.58 -24.59
CA SER A 109 3.51 -14.30 -25.97
C SER A 109 2.11 -13.72 -26.08
N LEU A 110 1.78 -13.24 -27.27
CA LEU A 110 0.45 -12.71 -27.50
C LEU A 110 -0.54 -13.85 -27.42
N ARG A 111 -1.72 -13.56 -26.89
CA ARG A 111 -2.72 -14.61 -26.75
C ARG A 111 -3.36 -14.95 -28.10
N ALA A 112 -4.08 -16.07 -28.11
CA ALA A 112 -4.74 -16.54 -29.32
C ALA A 112 -5.98 -17.34 -28.92
N GLU A 113 -6.99 -17.32 -29.78
CA GLU A 113 -8.24 -18.02 -29.55
C GLU A 113 -8.27 -19.34 -30.31
N LEU A 114 -8.98 -20.32 -29.74
CA LEU A 114 -9.13 -21.64 -30.33
C LEU A 114 -10.60 -22.03 -30.28
N ARG A 115 -11.18 -22.33 -31.44
CA ARG A 115 -12.58 -22.72 -31.56
C ARG A 115 -12.65 -24.15 -32.06
N VAL A 116 -13.63 -24.90 -31.54
CA VAL A 116 -13.84 -26.30 -31.91
C VAL A 116 -15.33 -26.48 -32.18
N THR A 117 -15.72 -26.53 -33.44
CA THR A 117 -17.12 -26.69 -33.82
C THR A 117 -17.58 -28.13 -33.62
N GLN B 1 -19.16 -19.42 -6.72
CA GLN B 1 -18.04 -19.42 -5.80
C GLN B 1 -17.34 -20.77 -5.84
N VAL B 2 -16.16 -20.82 -5.21
CA VAL B 2 -15.35 -22.04 -5.12
C VAL B 2 -14.98 -22.18 -3.65
N GLN B 3 -15.43 -23.27 -3.02
CA GLN B 3 -15.17 -23.45 -1.61
C GLN B 3 -14.84 -24.90 -1.26
N LEU B 4 -14.39 -25.05 -0.02
CA LEU B 4 -14.04 -26.34 0.59
C LEU B 4 -14.37 -26.17 2.06
N GLN B 5 -15.37 -26.88 2.55
CA GLN B 5 -15.82 -26.78 3.93
C GLN B 5 -15.48 -28.07 4.67
N GLU B 6 -14.53 -27.98 5.59
CA GLU B 6 -14.11 -29.12 6.37
C GLU B 6 -14.93 -29.22 7.64
N SER B 7 -15.07 -30.44 8.15
CA SER B 7 -15.84 -30.68 9.36
C SER B 7 -15.42 -32.02 9.94
N GLY B 8 -15.22 -32.04 11.26
CA GLY B 8 -14.82 -33.24 11.96
C GLY B 8 -14.95 -33.03 13.46
N PRO B 9 -14.68 -34.10 14.22
CA PRO B 9 -14.78 -33.99 15.67
C PRO B 9 -13.65 -33.15 16.24
N GLY B 10 -13.95 -32.44 17.32
CA GLY B 10 -12.93 -31.61 17.94
C GLY B 10 -11.90 -32.45 18.68
N LEU B 11 -12.37 -33.52 19.34
CA LEU B 11 -11.53 -34.42 20.10
C LEU B 11 -11.35 -35.75 19.40
N VAL B 12 -10.24 -36.42 19.71
CA VAL B 12 -9.89 -37.73 19.18
C VAL B 12 -9.17 -38.48 20.29
N LYS B 13 -9.66 -39.66 20.63
CA LYS B 13 -9.01 -40.41 21.69
C LYS B 13 -7.77 -41.11 21.16
N PRO B 14 -6.69 -41.18 21.94
CA PRO B 14 -5.48 -41.87 21.47
C PRO B 14 -5.77 -43.31 21.11
N SER B 15 -5.06 -43.79 20.09
CA SER B 15 -5.13 -45.14 19.52
C SER B 15 -6.38 -45.34 18.67
N GLU B 16 -7.28 -44.36 18.60
CA GLU B 16 -8.48 -44.48 17.79
C GLU B 16 -8.20 -43.97 16.38
N THR B 17 -9.21 -44.04 15.51
CA THR B 17 -9.08 -43.58 14.13
C THR B 17 -9.83 -42.27 13.94
N LEU B 18 -9.14 -41.26 13.43
CA LEU B 18 -9.72 -39.95 13.21
C LEU B 18 -10.42 -39.90 11.85
N SER B 19 -11.67 -39.47 11.85
CA SER B 19 -12.48 -39.36 10.65
C SER B 19 -12.71 -37.90 10.32
N LEU B 20 -12.39 -37.51 9.09
CA LEU B 20 -12.56 -36.14 8.62
C LEU B 20 -13.32 -36.16 7.30
N THR B 21 -13.76 -34.97 6.88
CA THR B 21 -14.51 -34.84 5.64
C THR B 21 -14.30 -33.43 5.08
N CYS B 22 -14.45 -33.31 3.76
CA CYS B 22 -14.28 -32.04 3.06
C CYS B 22 -15.41 -31.90 2.04
N THR B 23 -16.51 -31.28 2.46
CA THR B 23 -17.64 -31.07 1.57
C THR B 23 -17.29 -29.98 0.58
N VAL B 24 -17.49 -30.24 -0.70
CA VAL B 24 -17.13 -29.31 -1.76
C VAL B 24 -18.36 -28.66 -2.39
N SER B 25 -18.13 -27.48 -2.96
CA SER B 25 -19.15 -26.69 -3.64
C SER B 25 -18.44 -25.75 -4.60
N GLY B 26 -18.99 -25.61 -5.80
CA GLY B 26 -18.40 -24.72 -6.78
C GLY B 26 -17.77 -25.33 -8.02
N PHE B 27 -17.08 -26.45 -7.89
CA PHE B 27 -16.43 -27.07 -9.03
C PHE B 27 -16.79 -28.54 -9.12
N SER B 28 -16.57 -29.09 -10.32
CA SER B 28 -16.83 -30.49 -10.59
C SER B 28 -15.82 -31.33 -9.82
N LEU B 29 -16.30 -32.06 -8.80
CA LEU B 29 -15.42 -32.87 -7.98
C LEU B 29 -14.75 -33.98 -8.78
N THR B 30 -15.32 -34.38 -9.91
CA THR B 30 -14.73 -35.40 -10.76
C THR B 30 -13.82 -34.80 -11.83
N SER B 31 -13.38 -33.56 -11.63
CA SER B 31 -12.51 -32.88 -12.57
C SER B 31 -11.36 -32.15 -11.88
N TYR B 32 -11.26 -32.22 -10.55
CA TYR B 32 -10.21 -31.56 -9.81
C TYR B 32 -9.73 -32.47 -8.68
N GLY B 33 -8.47 -32.34 -8.32
CA GLY B 33 -7.88 -33.14 -7.26
C GLY B 33 -7.90 -32.41 -5.93
N VAL B 34 -8.16 -33.16 -4.87
CA VAL B 34 -8.21 -32.63 -3.51
C VAL B 34 -7.01 -33.17 -2.74
N HIS B 35 -6.24 -32.28 -2.14
CA HIS B 35 -5.06 -32.63 -1.37
C HIS B 35 -5.27 -32.30 0.09
N TRP B 36 -4.94 -33.24 0.97
CA TRP B 36 -5.05 -33.03 2.40
C TRP B 36 -3.69 -32.57 2.92
N ILE B 37 -3.70 -31.58 3.80
CA ILE B 37 -2.46 -31.00 4.33
C ILE B 37 -2.58 -30.82 5.84
N ARG B 38 -1.47 -31.05 6.54
CA ARG B 38 -1.40 -30.94 7.99
C ARG B 38 -0.59 -29.71 8.40
N GLN B 39 -0.96 -29.13 9.54
CA GLN B 39 -0.29 -27.97 10.10
C GLN B 39 -0.19 -28.14 11.60
N PRO B 40 0.88 -28.75 12.09
CA PRO B 40 1.04 -28.96 13.53
C PRO B 40 1.12 -27.63 14.27
N PRO B 41 0.79 -27.60 15.57
CA PRO B 41 0.84 -26.35 16.33
C PRO B 41 2.17 -25.62 16.22
N GLY B 42 2.11 -24.37 15.76
CA GLY B 42 3.31 -23.56 15.62
C GLY B 42 4.32 -24.12 14.64
N LYS B 43 3.86 -24.80 13.59
CA LYS B 43 4.74 -25.37 12.59
C LYS B 43 4.18 -25.05 11.21
N GLY B 44 4.92 -25.48 10.18
CA GLY B 44 4.53 -25.23 8.80
C GLY B 44 3.50 -26.19 8.25
N LEU B 45 3.41 -26.20 6.92
CA LEU B 45 2.47 -27.05 6.20
C LEU B 45 3.13 -28.36 5.80
N GLU B 46 2.39 -29.45 5.94
CA GLU B 46 2.87 -30.78 5.60
C GLU B 46 1.81 -31.49 4.77
N TRP B 47 2.22 -32.00 3.62
CA TRP B 47 1.34 -32.69 2.69
C TRP B 47 0.97 -34.08 3.19
N ILE B 48 -0.33 -34.40 3.16
CA ILE B 48 -0.83 -35.69 3.63
C ILE B 48 -1.15 -36.64 2.48
N GLY B 49 -1.58 -36.12 1.36
CA GLY B 49 -1.91 -36.97 0.22
C GLY B 49 -2.84 -36.26 -0.73
N VAL B 50 -3.11 -36.95 -1.85
CA VAL B 50 -3.97 -36.43 -2.90
C VAL B 50 -5.01 -37.47 -3.30
N ILE B 51 -5.97 -37.01 -4.08
CA ILE B 51 -7.05 -37.82 -4.66
C ILE B 51 -7.34 -37.15 -6.00
N TYR B 52 -7.14 -37.87 -7.09
CA TYR B 52 -7.36 -37.28 -8.40
C TYR B 52 -8.82 -37.47 -8.84
N ALA B 53 -9.11 -37.07 -10.08
CA ALA B 53 -10.47 -37.20 -10.60
C ALA B 53 -10.84 -38.64 -10.92
N ASP B 54 -9.85 -39.50 -11.21
CA ASP B 54 -10.18 -40.88 -11.54
C ASP B 54 -10.57 -41.67 -10.30
N GLY B 55 -9.91 -41.42 -9.18
CA GLY B 55 -10.22 -42.14 -7.96
C GLY B 55 -9.02 -42.87 -7.39
N SER B 56 -7.83 -42.44 -7.79
CA SER B 56 -6.59 -43.03 -7.32
C SER B 56 -5.92 -42.01 -6.40
N THR B 57 -5.18 -42.51 -5.41
CA THR B 57 -4.56 -41.63 -4.44
C THR B 57 -3.07 -41.91 -4.26
N ASN B 58 -2.36 -40.85 -3.87
CA ASN B 58 -0.94 -40.85 -3.58
C ASN B 58 -0.82 -40.37 -2.14
N TYR B 59 -0.05 -41.09 -1.32
CA TYR B 59 0.09 -40.73 0.08
C TYR B 59 1.53 -40.41 0.45
N ASN B 60 1.67 -39.77 1.60
CA ASN B 60 2.98 -39.43 2.12
C ASN B 60 3.65 -40.71 2.62
N PRO B 61 4.86 -41.02 2.18
CA PRO B 61 5.52 -42.25 2.66
C PRO B 61 5.59 -42.33 4.17
N SER B 62 5.74 -41.21 4.86
CA SER B 62 5.79 -41.22 6.31
C SER B 62 4.43 -41.46 6.94
N LEU B 63 3.35 -41.17 6.21
CA LEU B 63 2.00 -41.36 6.72
C LEU B 63 1.30 -42.57 6.12
N LYS B 64 1.90 -43.24 5.15
CA LYS B 64 1.27 -44.40 4.55
C LYS B 64 1.01 -45.48 5.60
N SER B 65 0.08 -46.37 5.26
CA SER B 65 -0.42 -47.51 6.04
C SER B 65 -1.35 -47.04 7.15
N ARG B 66 -1.54 -45.74 7.33
CA ARG B 66 -2.43 -45.17 8.33
C ARG B 66 -3.45 -44.23 7.73
N VAL B 67 -3.14 -43.62 6.59
CA VAL B 67 -4.02 -42.68 5.90
C VAL B 67 -4.89 -43.41 4.90
N THR B 68 -6.10 -42.89 4.72
CA THR B 68 -7.08 -43.42 3.78
C THR B 68 -7.83 -42.22 3.25
N ILE B 69 -7.76 -41.99 1.94
CA ILE B 69 -8.42 -40.87 1.31
C ILE B 69 -9.35 -41.39 0.23
N SER B 70 -10.65 -41.18 0.43
CA SER B 70 -11.67 -41.62 -0.52
C SER B 70 -12.55 -40.41 -0.85
N LYS B 71 -13.59 -40.65 -1.65
CA LYS B 71 -14.47 -39.56 -2.03
C LYS B 71 -15.85 -40.12 -2.40
N ASP B 72 -16.87 -39.35 -2.08
CA ASP B 72 -18.25 -39.71 -2.39
C ASP B 72 -18.68 -38.70 -3.45
N THR B 73 -18.62 -39.10 -4.72
CA THR B 73 -18.98 -38.20 -5.80
C THR B 73 -20.46 -37.82 -5.76
N SER B 74 -21.31 -38.70 -5.25
CA SER B 74 -22.73 -38.42 -5.14
C SER B 74 -23.06 -37.53 -3.96
N LYS B 75 -22.03 -37.07 -3.25
CA LYS B 75 -22.18 -36.20 -2.09
C LYS B 75 -21.22 -35.03 -2.11
N ASN B 76 -20.27 -35.01 -3.05
CA ASN B 76 -19.26 -33.95 -3.17
C ASN B 76 -18.48 -33.81 -1.87
N GLN B 77 -17.84 -34.92 -1.47
CA GLN B 77 -17.07 -34.97 -0.24
C GLN B 77 -15.81 -35.79 -0.42
N VAL B 78 -14.78 -35.42 0.33
CA VAL B 78 -13.49 -36.10 0.35
C VAL B 78 -13.26 -36.47 1.80
N SER B 79 -13.03 -37.75 2.06
CA SER B 79 -12.81 -38.23 3.41
C SER B 79 -11.35 -38.49 3.70
N LEU B 80 -10.98 -38.33 4.98
CA LEU B 80 -9.62 -38.54 5.46
C LEU B 80 -9.70 -39.34 6.75
N LYS B 81 -9.12 -40.53 6.75
CA LYS B 81 -9.12 -41.41 7.91
C LYS B 81 -7.69 -41.61 8.38
N LEU B 82 -7.47 -41.48 9.69
CA LEU B 82 -6.16 -41.63 10.30
C LEU B 82 -6.29 -42.61 11.46
N SER B 83 -5.87 -43.85 11.25
CA SER B 83 -5.95 -44.89 12.26
C SER B 83 -4.76 -44.84 13.21
N SER B 84 -4.90 -45.57 14.32
CA SER B 84 -3.86 -45.67 15.36
C SER B 84 -3.26 -44.30 15.67
N VAL B 85 -4.17 -43.35 15.91
CA VAL B 85 -3.78 -41.98 16.19
C VAL B 85 -2.97 -41.87 17.49
N THR B 86 -1.95 -41.00 17.46
CA THR B 86 -1.07 -40.70 18.58
C THR B 86 -1.14 -39.20 18.85
N ALA B 87 -0.34 -38.74 19.82
CA ALA B 87 -0.34 -37.31 20.14
C ALA B 87 0.31 -36.47 19.05
N ALA B 88 1.01 -37.10 18.10
CA ALA B 88 1.65 -36.36 17.02
C ALA B 88 0.67 -35.91 15.95
N ASP B 89 -0.48 -36.59 15.84
CA ASP B 89 -1.47 -36.22 14.84
C ASP B 89 -2.25 -34.96 15.20
N THR B 90 -2.03 -34.39 16.38
CA THR B 90 -2.73 -33.17 16.78
C THR B 90 -2.27 -32.04 15.86
N ALA B 91 -3.16 -31.56 15.00
CA ALA B 91 -2.80 -30.47 14.08
C ALA B 91 -4.08 -29.92 13.44
N VAL B 92 -3.88 -29.05 12.45
CA VAL B 92 -4.95 -28.41 11.69
C VAL B 92 -4.90 -29.01 10.30
N TYR B 93 -5.86 -29.86 9.99
CA TYR B 93 -5.91 -30.50 8.68
C TYR B 93 -6.58 -29.59 7.66
N TYR B 94 -6.02 -29.55 6.45
CA TYR B 94 -6.51 -28.71 5.37
C TYR B 94 -6.73 -29.51 4.09
N CYS B 95 -7.89 -29.34 3.46
CA CYS B 95 -8.18 -29.96 2.18
C CYS B 95 -8.07 -28.85 1.14
N ALA B 96 -7.56 -29.16 -0.04
CA ALA B 96 -7.40 -28.10 -1.03
C ALA B 96 -7.53 -28.61 -2.46
N ARG B 97 -8.14 -27.77 -3.30
CA ARG B 97 -8.34 -28.10 -4.71
C ARG B 97 -7.03 -27.98 -5.49
N ALA B 98 -6.90 -28.79 -6.54
CA ALA B 98 -5.74 -28.80 -7.41
C ALA B 98 -6.21 -28.38 -8.80
N TYR B 99 -5.57 -27.34 -9.35
CA TYR B 99 -5.93 -26.80 -10.65
C TYR B 99 -4.79 -26.92 -11.66
N GLY B 100 -5.14 -27.34 -12.87
CA GLY B 100 -4.15 -27.42 -13.93
C GLY B 100 -3.73 -28.84 -14.30
N ASN B 101 -3.30 -29.00 -15.56
CA ASN B 101 -2.80 -30.29 -16.02
C ASN B 101 -1.50 -30.61 -15.33
N TYR B 102 -0.75 -29.57 -14.99
CA TYR B 102 0.47 -29.61 -14.21
C TYR B 102 -0.06 -28.86 -13.01
N TRP B 103 -0.70 -29.61 -12.13
CA TRP B 103 -1.40 -29.11 -10.95
C TRP B 103 -0.63 -28.22 -10.00
N TYR B 104 -1.39 -27.43 -9.25
CA TYR B 104 -0.95 -26.50 -8.22
C TYR B 104 -2.16 -26.28 -7.32
N ILE B 105 -1.90 -26.11 -6.02
CA ILE B 105 -2.95 -25.92 -5.03
C ILE B 105 -3.42 -24.47 -5.04
N ASP B 106 -4.63 -24.23 -5.57
CA ASP B 106 -5.15 -22.87 -5.65
C ASP B 106 -6.05 -22.48 -4.48
N VAL B 107 -7.15 -23.20 -4.26
CA VAL B 107 -8.11 -22.90 -3.20
C VAL B 107 -7.87 -23.80 -2.01
N TRP B 108 -7.96 -23.23 -0.81
CA TRP B 108 -7.75 -23.94 0.44
C TRP B 108 -9.04 -24.03 1.24
N GLY B 109 -9.03 -24.95 2.21
CA GLY B 109 -10.17 -25.13 3.09
C GLY B 109 -10.08 -24.22 4.29
N GLN B 110 -11.12 -24.26 5.12
CA GLN B 110 -11.14 -23.42 6.31
C GLN B 110 -10.24 -23.96 7.41
N GLY B 111 -9.99 -25.26 7.42
CA GLY B 111 -9.16 -25.86 8.45
C GLY B 111 -9.99 -26.50 9.54
N THR B 112 -9.41 -27.50 10.19
CA THR B 112 -10.09 -28.21 11.27
C THR B 112 -9.03 -28.67 12.25
N THR B 113 -8.98 -28.04 13.42
CA THR B 113 -8.00 -28.39 14.43
C THR B 113 -8.41 -29.69 15.11
N VAL B 114 -7.49 -30.64 15.20
CA VAL B 114 -7.72 -31.93 15.83
C VAL B 114 -6.80 -32.01 17.04
N THR B 115 -7.39 -32.26 18.21
CA THR B 115 -6.64 -32.36 19.45
C THR B 115 -6.73 -33.80 19.94
N VAL B 116 -5.63 -34.54 19.82
CA VAL B 116 -5.56 -35.93 20.23
C VAL B 116 -5.39 -35.93 21.75
N SER B 117 -6.47 -36.17 22.49
CA SER B 117 -6.40 -36.18 23.93
C SER B 117 -7.45 -37.11 24.50
N SER B 118 -7.26 -37.45 25.77
CA SER B 118 -8.19 -38.30 26.50
C SER B 118 -9.25 -37.49 27.23
N ALA B 119 -8.84 -36.38 27.85
CA ALA B 119 -9.77 -35.51 28.56
C ALA B 119 -10.92 -35.11 27.64
N SER B 120 -12.12 -35.01 28.21
CA SER B 120 -13.31 -34.67 27.45
C SER B 120 -13.34 -33.19 27.08
N THR B 121 -14.42 -32.81 26.39
CA THR B 121 -14.65 -31.45 25.94
C THR B 121 -15.05 -30.56 27.12
N LYS B 122 -15.00 -29.24 26.89
CA LYS B 122 -15.36 -28.29 27.94
C LYS B 122 -15.82 -26.99 27.26
N GLY B 123 -17.10 -26.68 27.39
CA GLY B 123 -17.66 -25.48 26.82
C GLY B 123 -17.12 -24.24 27.50
N PRO B 124 -16.82 -23.21 26.73
CA PRO B 124 -16.27 -21.98 27.31
C PRO B 124 -17.33 -21.12 27.97
N SER B 125 -16.84 -20.20 28.80
CA SER B 125 -17.67 -19.24 29.51
C SER B 125 -17.37 -17.86 28.94
N VAL B 126 -18.38 -17.20 28.41
CA VAL B 126 -18.21 -15.89 27.80
C VAL B 126 -18.66 -14.82 28.80
N PHE B 127 -17.70 -14.00 29.24
CA PHE B 127 -17.90 -12.90 30.16
C PHE B 127 -17.61 -11.59 29.45
N PRO B 128 -18.34 -10.52 29.77
CA PRO B 128 -18.11 -9.25 29.10
C PRO B 128 -16.87 -8.52 29.59
N LEU B 129 -16.43 -7.57 28.77
CA LEU B 129 -15.28 -6.70 29.00
C LEU B 129 -15.72 -5.25 28.79
N ALA B 130 -16.87 -4.92 29.39
CA ALA B 130 -17.43 -3.58 29.25
C ALA B 130 -16.51 -2.52 29.85
N PRO B 131 -16.51 -1.30 29.29
CA PRO B 131 -15.71 -0.17 29.75
C PRO B 131 -16.50 0.79 30.63
N THR B 140 -10.16 7.33 21.49
CA THR B 140 -10.89 6.08 21.27
C THR B 140 -11.11 5.32 22.58
N ALA B 141 -12.10 4.44 22.58
CA ALA B 141 -12.44 3.62 23.74
C ALA B 141 -12.34 2.15 23.35
N ALA B 142 -12.24 1.29 24.36
CA ALA B 142 -12.11 -0.14 24.13
C ALA B 142 -13.21 -0.93 24.85
N LEU B 143 -13.43 -2.14 24.34
CA LEU B 143 -14.41 -3.08 24.87
C LEU B 143 -13.99 -4.46 24.36
N GLY B 144 -14.67 -5.49 24.86
CA GLY B 144 -14.33 -6.82 24.41
C GLY B 144 -15.15 -7.91 25.07
N CYS B 145 -14.65 -9.14 24.92
CA CYS B 145 -15.29 -10.34 25.45
C CYS B 145 -14.21 -11.29 25.95
N LEU B 146 -14.48 -11.97 27.06
CA LEU B 146 -13.55 -12.92 27.65
C LEU B 146 -14.08 -14.34 27.48
N VAL B 147 -13.29 -15.18 26.82
CA VAL B 147 -13.60 -16.58 26.59
C VAL B 147 -12.66 -17.35 27.50
N LYS B 148 -13.18 -17.94 28.57
CA LYS B 148 -12.35 -18.62 29.55
C LYS B 148 -12.75 -20.06 29.84
N ASP B 149 -11.73 -20.85 30.18
CA ASP B 149 -11.85 -22.25 30.61
C ASP B 149 -12.57 -23.17 29.62
N TYR B 150 -11.95 -23.35 28.45
CA TYR B 150 -12.51 -24.22 27.43
C TYR B 150 -11.44 -25.23 27.01
N PHE B 151 -11.90 -26.32 26.38
CA PHE B 151 -11.01 -27.37 25.88
C PHE B 151 -11.80 -28.32 24.98
N PRO B 152 -11.23 -28.74 23.84
CA PRO B 152 -9.90 -28.30 23.40
C PRO B 152 -9.99 -27.05 22.54
N GLU B 153 -8.90 -26.74 21.84
CA GLU B 153 -8.86 -25.58 20.97
C GLU B 153 -9.66 -25.86 19.70
N PRO B 154 -10.04 -24.81 18.95
CA PRO B 154 -9.90 -23.38 19.15
C PRO B 154 -11.22 -22.67 19.42
N VAL B 155 -11.13 -21.37 19.64
CA VAL B 155 -12.28 -20.51 19.83
C VAL B 155 -12.13 -19.40 18.81
N THR B 156 -13.12 -19.25 17.93
CA THR B 156 -13.08 -18.24 16.88
C THR B 156 -14.15 -17.20 17.18
N VAL B 157 -13.70 -16.03 17.65
CA VAL B 157 -14.58 -14.92 18.00
C VAL B 157 -14.60 -13.92 16.86
N SER B 158 -15.77 -13.32 16.63
CA SER B 158 -15.99 -12.29 15.62
C SER B 158 -16.75 -11.15 16.27
N TRP B 159 -17.05 -10.11 15.48
CA TRP B 159 -17.78 -8.96 16.01
C TRP B 159 -18.81 -8.50 15.00
N ASN B 160 -20.08 -8.48 15.41
CA ASN B 160 -21.21 -8.07 14.57
C ASN B 160 -21.28 -8.93 13.30
N SER B 161 -21.18 -10.24 13.49
CA SER B 161 -21.23 -11.22 12.41
C SER B 161 -20.16 -11.00 11.34
N GLY B 162 -19.06 -10.35 11.70
CA GLY B 162 -17.99 -10.08 10.77
C GLY B 162 -17.98 -8.70 10.16
N ALA B 163 -19.04 -7.93 10.34
CA ALA B 163 -19.08 -6.58 9.75
C ALA B 163 -18.10 -5.64 10.45
N LEU B 164 -17.78 -5.90 11.71
CA LEU B 164 -16.86 -5.05 12.47
C LEU B 164 -15.48 -5.70 12.48
N THR B 165 -14.65 -5.34 11.50
CA THR B 165 -13.29 -5.84 11.40
C THR B 165 -12.26 -4.82 11.89
N SER B 166 -12.56 -3.53 11.71
CA SER B 166 -11.67 -2.46 12.12
C SER B 166 -11.44 -2.47 13.63
N GLY B 167 -10.17 -2.41 14.02
CA GLY B 167 -9.79 -2.37 15.42
C GLY B 167 -10.05 -3.62 16.24
N VAL B 168 -10.12 -4.79 15.62
CA VAL B 168 -10.36 -6.03 16.35
C VAL B 168 -9.01 -6.66 16.66
N HIS B 169 -8.89 -7.26 17.85
CA HIS B 169 -7.64 -7.88 18.28
C HIS B 169 -7.96 -9.15 19.07
N THR B 170 -7.94 -10.29 18.40
CA THR B 170 -8.19 -11.58 19.03
C THR B 170 -6.84 -12.16 19.45
N PHE B 171 -6.58 -12.18 20.75
CA PHE B 171 -5.33 -12.67 21.29
C PHE B 171 -5.23 -14.19 21.18
N PRO B 172 -4.01 -14.73 21.19
CA PRO B 172 -3.85 -16.19 21.14
C PRO B 172 -4.24 -16.79 22.48
N ALA B 173 -4.82 -17.99 22.42
CA ALA B 173 -5.25 -18.66 23.65
C ALA B 173 -4.05 -18.94 24.54
N VAL B 174 -4.32 -19.03 25.84
CA VAL B 174 -3.31 -19.29 26.86
C VAL B 174 -3.71 -20.52 27.67
N LEU B 175 -2.78 -21.45 27.83
CA LEU B 175 -3.07 -22.64 28.62
C LEU B 175 -3.08 -22.25 30.09
N GLN B 176 -4.01 -22.85 30.84
CA GLN B 176 -4.16 -22.53 32.26
C GLN B 176 -3.58 -23.63 33.15
N SER B 177 -3.38 -23.28 34.42
CA SER B 177 -2.86 -24.23 35.38
C SER B 177 -3.83 -25.39 35.57
N SER B 178 -5.12 -25.13 35.37
CA SER B 178 -6.14 -26.16 35.50
C SER B 178 -6.14 -27.10 34.30
N GLY B 179 -5.51 -26.70 33.20
CA GLY B 179 -5.43 -27.50 32.00
C GLY B 179 -6.31 -27.01 30.86
N LEU B 180 -7.16 -26.02 31.12
CA LEU B 180 -8.04 -25.49 30.10
C LEU B 180 -7.38 -24.31 29.39
N TYR B 181 -8.07 -23.77 28.39
CA TYR B 181 -7.59 -22.63 27.62
C TYR B 181 -8.46 -21.41 27.88
N SER B 182 -7.94 -20.24 27.50
CA SER B 182 -8.66 -18.99 27.69
C SER B 182 -8.07 -17.93 26.78
N LEU B 183 -8.93 -17.06 26.24
CA LEU B 183 -8.49 -15.99 25.37
C LEU B 183 -9.43 -14.81 25.54
N SER B 184 -8.97 -13.65 25.06
CA SER B 184 -9.74 -12.42 25.16
C SER B 184 -9.73 -11.71 23.83
N SER B 185 -10.89 -11.23 23.40
CA SER B 185 -11.07 -10.50 22.16
C SER B 185 -11.49 -9.08 22.52
N VAL B 186 -10.80 -8.09 21.96
CA VAL B 186 -11.09 -6.69 22.25
C VAL B 186 -11.35 -5.94 20.96
N VAL B 187 -11.92 -4.75 21.10
CA VAL B 187 -12.26 -3.88 19.98
C VAL B 187 -12.15 -2.43 20.43
N THR B 188 -11.55 -1.60 19.58
CA THR B 188 -11.38 -0.18 19.84
C THR B 188 -12.39 0.59 19.01
N VAL B 189 -13.27 1.35 19.67
CA VAL B 189 -14.30 2.11 18.96
C VAL B 189 -14.40 3.51 19.55
N PRO B 190 -14.88 4.46 18.74
CA PRO B 190 -15.01 5.83 19.24
C PRO B 190 -16.12 5.96 20.26
N SER B 191 -15.94 6.94 21.16
CA SER B 191 -16.92 7.19 22.20
C SER B 191 -18.25 7.72 21.66
N SER B 192 -18.22 8.42 20.51
CA SER B 192 -19.45 8.95 19.94
C SER B 192 -20.41 7.86 19.50
N SER B 193 -19.91 6.65 19.26
CA SER B 193 -20.73 5.53 18.84
C SER B 193 -21.07 4.59 19.99
N LEU B 194 -20.42 4.75 21.14
CA LEU B 194 -20.67 3.90 22.30
C LEU B 194 -22.15 3.81 22.63
N GLY B 195 -22.88 4.90 22.43
CA GLY B 195 -24.30 4.91 22.72
C GLY B 195 -25.23 4.46 21.61
N THR B 196 -24.94 4.85 20.37
CA THR B 196 -25.81 4.50 19.24
C THR B 196 -25.52 3.15 18.59
N LYS B 197 -24.25 2.77 18.42
CA LYS B 197 -23.92 1.51 17.77
C LYS B 197 -23.90 0.34 18.75
N THR B 198 -24.32 -0.83 18.25
CA THR B 198 -24.35 -2.06 19.02
C THR B 198 -23.11 -2.88 18.74
N TYR B 199 -22.47 -3.37 19.79
CA TYR B 199 -21.25 -4.16 19.67
C TYR B 199 -21.48 -5.51 20.34
N THR B 200 -21.38 -6.58 19.56
CA THR B 200 -21.57 -7.93 20.07
C THR B 200 -20.49 -8.85 19.53
N CYS B 201 -20.03 -9.78 20.38
CA CYS B 201 -19.02 -10.75 19.99
C CYS B 201 -19.69 -12.10 19.74
N ASN B 202 -19.12 -12.87 18.82
CA ASN B 202 -19.66 -14.18 18.45
C ASN B 202 -18.59 -15.23 18.72
N VAL B 203 -18.73 -15.93 19.85
CA VAL B 203 -17.79 -16.97 20.26
C VAL B 203 -18.30 -18.32 19.77
N ASP B 204 -17.51 -18.97 18.91
CA ASP B 204 -17.87 -20.27 18.36
C ASP B 204 -16.84 -21.30 18.81
N HIS B 205 -17.29 -22.28 19.59
CA HIS B 205 -16.44 -23.37 20.10
C HIS B 205 -17.02 -24.64 19.50
N LYS B 206 -16.49 -25.03 18.33
CA LYS B 206 -16.97 -26.21 17.62
C LYS B 206 -16.90 -27.52 18.41
N PRO B 207 -15.80 -27.86 19.10
CA PRO B 207 -15.77 -29.14 19.82
C PRO B 207 -16.94 -29.42 20.75
N SER B 208 -17.61 -28.38 21.26
CA SER B 208 -18.74 -28.57 22.16
C SER B 208 -20.03 -27.99 21.61
N ASN B 209 -20.04 -27.56 20.35
CA ASN B 209 -21.22 -26.96 19.73
C ASN B 209 -21.74 -25.82 20.60
N THR B 210 -20.88 -24.82 20.78
CA THR B 210 -21.21 -23.67 21.63
C THR B 210 -21.00 -22.37 20.87
N LYS B 211 -22.09 -21.73 20.50
CA LYS B 211 -22.08 -20.43 19.84
C LYS B 211 -22.59 -19.43 20.86
N VAL B 212 -21.91 -18.29 21.00
CA VAL B 212 -22.32 -17.31 22.00
C VAL B 212 -22.28 -15.90 21.44
N ASP B 213 -23.46 -15.29 21.24
CA ASP B 213 -23.56 -13.91 20.82
C ASP B 213 -23.70 -13.12 22.12
N LYS B 214 -22.78 -12.20 22.36
CA LYS B 214 -22.79 -11.45 23.61
C LYS B 214 -22.77 -9.94 23.39
N ARG B 215 -23.74 -9.25 24.00
CA ARG B 215 -23.83 -7.80 23.91
C ARG B 215 -23.05 -7.20 25.09
N VAL B 216 -22.19 -6.23 24.78
CA VAL B 216 -21.35 -5.58 25.79
C VAL B 216 -21.49 -4.08 25.60
N GLU B 217 -22.25 -3.40 26.47
CA GLU B 217 -22.41 -1.97 26.31
C GLU B 217 -21.82 -1.14 27.45
N SER B 218 -22.29 -1.33 28.70
CA SER B 218 -21.78 -0.58 29.84
C SER B 218 -22.36 -1.06 31.17
N LYS B 219 -22.02 -0.36 32.25
CA LYS B 219 -22.54 -0.60 33.58
C LYS B 219 -22.71 0.76 34.24
N TYR B 220 -23.21 0.77 35.48
CA TYR B 220 -23.42 2.05 36.17
C TYR B 220 -22.28 2.42 37.11
N ASP C 1 12.81 -37.46 -0.99
CA ASP C 1 11.85 -36.38 -0.74
C ASP C 1 12.53 -35.03 -0.86
N ILE C 2 12.21 -34.32 -1.95
CA ILE C 2 12.81 -33.02 -2.22
C ILE C 2 12.64 -32.11 -1.02
N VAL C 3 13.73 -31.44 -0.64
CA VAL C 3 13.76 -30.56 0.51
C VAL C 3 13.66 -29.11 0.05
N MET C 4 12.59 -28.43 0.46
CA MET C 4 12.38 -27.03 0.13
C MET C 4 12.90 -26.24 1.33
N THR C 5 13.98 -25.49 1.12
CA THR C 5 14.62 -24.72 2.19
C THR C 5 14.56 -23.22 1.91
N GLN C 6 13.74 -22.51 2.68
CA GLN C 6 13.66 -21.07 2.55
C GLN C 6 14.82 -20.49 3.36
N SER C 7 15.63 -19.64 2.72
CA SER C 7 16.82 -19.13 3.40
C SER C 7 16.54 -18.06 4.45
N PRO C 8 15.79 -16.98 4.19
CA PRO C 8 15.61 -15.98 5.27
C PRO C 8 14.51 -16.33 6.27
N ASP C 9 14.85 -17.16 7.26
CA ASP C 9 13.90 -17.60 8.29
C ASP C 9 13.00 -16.48 8.79
N SER C 10 13.58 -15.31 9.10
CA SER C 10 12.80 -14.17 9.59
C SER C 10 13.30 -12.90 8.90
N LEU C 11 12.41 -12.24 8.17
CA LEU C 11 12.72 -11.02 7.43
C LEU C 11 11.92 -9.86 8.03
N ALA C 12 12.59 -8.72 8.26
CA ALA C 12 11.94 -7.56 8.88
C ALA C 12 12.25 -6.24 8.17
N VAL C 13 12.15 -6.19 6.84
CA VAL C 13 12.43 -4.92 6.16
C VAL C 13 11.42 -3.84 6.55
N SER C 14 11.79 -2.59 6.26
CA SER C 14 10.97 -1.43 6.58
C SER C 14 9.76 -1.32 5.64
N LEU C 15 8.91 -0.34 5.95
CA LEU C 15 7.70 -0.11 5.16
C LEU C 15 8.02 0.42 3.77
N GLY C 16 7.30 -0.10 2.78
CA GLY C 16 7.47 0.32 1.40
C GLY C 16 8.74 -0.11 0.70
N GLU C 17 9.62 -0.84 1.38
CA GLU C 17 10.87 -1.27 0.76
C GLU C 17 10.74 -2.65 0.13
N ARG C 18 11.68 -2.95 -0.76
CA ARG C 18 11.72 -4.24 -1.44
C ARG C 18 11.94 -5.35 -0.43
N ALA C 19 11.30 -6.49 -0.65
CA ALA C 19 11.43 -7.62 0.27
C ALA C 19 11.31 -8.90 -0.53
N THR C 20 12.42 -9.63 -0.65
CA THR C 20 12.46 -10.89 -1.38
C THR C 20 12.63 -12.06 -0.42
N ILE C 21 12.16 -13.23 -0.84
CA ILE C 21 12.24 -14.46 -0.07
C ILE C 21 12.77 -15.55 -0.98
N ASN C 22 13.80 -16.25 -0.54
CA ASN C 22 14.41 -17.32 -1.32
C ASN C 22 13.94 -18.67 -0.82
N CYS C 23 13.75 -19.60 -1.75
CA CYS C 23 13.31 -20.97 -1.44
C CYS C 23 14.05 -21.89 -2.43
N LYS C 24 15.07 -22.58 -1.93
CA LYS C 24 15.87 -23.48 -2.75
C LYS C 24 15.48 -24.92 -2.50
N SER C 25 15.36 -25.68 -3.58
CA SER C 25 15.00 -27.09 -3.51
C SER C 25 16.28 -27.94 -3.60
N SER C 26 16.26 -29.08 -2.89
CA SER C 26 17.43 -29.95 -2.91
C SER C 26 17.58 -30.70 -4.23
N GLU C 27 16.56 -30.66 -5.10
CA GLU C 27 16.60 -31.33 -6.39
C GLU C 27 15.73 -30.57 -7.37
N SER C 28 15.80 -30.96 -8.64
CA SER C 28 15.07 -30.29 -9.72
C SER C 28 13.55 -30.50 -9.62
N VAL C 29 12.85 -29.42 -9.29
CA VAL C 29 11.42 -29.17 -9.13
C VAL C 29 11.16 -28.03 -10.11
N SER C 30 11.82 -28.05 -11.25
CA SER C 30 12.00 -26.96 -12.18
C SER C 30 10.92 -25.90 -12.32
N ASN C 31 9.66 -26.17 -12.60
CA ASN C 31 8.86 -24.94 -12.60
C ASN C 31 7.49 -25.12 -11.96
N ASP C 32 7.27 -26.23 -11.26
CA ASP C 32 6.01 -26.50 -10.58
C ASP C 32 6.14 -26.11 -9.10
N VAL C 33 6.35 -24.81 -8.86
CA VAL C 33 6.51 -24.28 -7.51
C VAL C 33 5.53 -23.14 -7.31
N ALA C 34 4.75 -23.22 -6.23
CA ALA C 34 3.77 -22.20 -5.89
C ALA C 34 4.11 -21.56 -4.55
N TRP C 35 3.74 -20.28 -4.41
CA TRP C 35 3.97 -19.51 -3.20
C TRP C 35 2.65 -19.26 -2.49
N TYR C 36 2.68 -19.26 -1.16
CA TYR C 36 1.47 -19.06 -0.37
C TYR C 36 1.72 -18.11 0.79
N GLN C 37 0.70 -17.33 1.11
CA GLN C 37 0.72 -16.38 2.21
C GLN C 37 -0.30 -16.84 3.25
N GLN C 38 0.09 -16.82 4.51
CA GLN C 38 -0.81 -17.24 5.58
C GLN C 38 -0.67 -16.31 6.78
N LYS C 39 -1.80 -15.90 7.32
CA LYS C 39 -1.89 -15.03 8.48
C LYS C 39 -2.33 -15.83 9.70
N PRO C 40 -2.05 -15.35 10.91
CA PRO C 40 -2.44 -16.10 12.11
C PRO C 40 -3.94 -16.30 12.20
N GLY C 41 -4.36 -17.56 12.22
CA GLY C 41 -5.77 -17.91 12.32
C GLY C 41 -6.42 -18.26 11.00
N GLN C 42 -6.06 -17.55 9.94
CA GLN C 42 -6.63 -17.76 8.62
C GLN C 42 -5.88 -18.84 7.85
N PRO C 43 -6.53 -19.46 6.88
CA PRO C 43 -5.87 -20.49 6.07
C PRO C 43 -4.93 -19.87 5.06
N PRO C 44 -4.14 -20.67 4.35
CA PRO C 44 -3.21 -20.12 3.36
C PRO C 44 -3.91 -19.46 2.18
N LYS C 45 -3.15 -18.62 1.48
CA LYS C 45 -3.61 -17.90 0.31
C LYS C 45 -2.53 -18.03 -0.75
N LEU C 46 -2.92 -18.33 -1.99
CA LEU C 46 -1.95 -18.50 -3.07
C LEU C 46 -1.62 -17.17 -3.75
N LEU C 47 -0.34 -16.98 -4.05
CA LEU C 47 0.14 -15.77 -4.71
C LEU C 47 0.74 -16.03 -6.08
N ILE C 48 1.69 -16.97 -6.20
CA ILE C 48 2.36 -17.27 -7.46
C ILE C 48 2.19 -18.75 -7.79
N ASN C 49 1.88 -19.03 -9.06
CA ASN C 49 1.77 -20.39 -9.56
C ASN C 49 2.76 -20.54 -10.71
N TYR C 50 3.28 -21.75 -10.88
CA TYR C 50 4.27 -22.06 -11.91
C TYR C 50 5.56 -21.25 -11.71
N ALA C 51 5.69 -20.60 -10.56
CA ALA C 51 6.81 -19.80 -10.07
C ALA C 51 6.95 -18.43 -10.73
N PHE C 52 6.18 -18.15 -11.78
CA PHE C 52 6.22 -16.85 -12.43
C PHE C 52 4.89 -16.12 -12.44
N HIS C 53 3.84 -16.78 -12.92
CA HIS C 53 2.52 -16.18 -13.04
C HIS C 53 1.89 -15.90 -11.67
N ARG C 54 1.33 -14.72 -11.52
CA ARG C 54 0.66 -14.33 -10.28
C ARG C 54 -0.81 -14.65 -10.42
N PHE C 55 -1.41 -15.11 -9.33
CA PHE C 55 -2.82 -15.47 -9.34
C PHE C 55 -3.70 -14.24 -9.58
N THR C 56 -4.96 -14.50 -9.93
CA THR C 56 -5.90 -13.42 -10.15
C THR C 56 -6.25 -12.77 -8.82
N GLY C 57 -6.45 -11.46 -8.85
CA GLY C 57 -6.77 -10.76 -7.62
C GLY C 57 -5.60 -10.60 -6.68
N VAL C 58 -4.39 -10.89 -7.15
CA VAL C 58 -3.17 -10.76 -6.35
C VAL C 58 -2.53 -9.42 -6.70
N PRO C 59 -2.13 -8.62 -5.72
CA PRO C 59 -1.53 -7.31 -6.03
C PRO C 59 -0.33 -7.43 -6.96
N ASP C 60 -0.14 -6.39 -7.78
CA ASP C 60 0.96 -6.36 -8.74
C ASP C 60 2.32 -6.30 -8.07
N ARG C 61 2.40 -5.84 -6.82
CA ARG C 61 3.68 -5.75 -6.13
C ARG C 61 4.34 -7.10 -5.90
N PHE C 62 3.66 -8.20 -6.20
CA PHE C 62 4.22 -9.53 -6.01
C PHE C 62 4.82 -10.07 -7.30
N SER C 63 5.97 -10.72 -7.19
CA SER C 63 6.68 -11.28 -8.33
C SER C 63 7.35 -12.58 -7.93
N GLY C 64 7.49 -13.47 -8.92
CA GLY C 64 8.12 -14.75 -8.69
C GLY C 64 9.20 -15.01 -9.73
N SER C 65 10.15 -15.85 -9.36
CA SER C 65 11.24 -16.18 -10.27
C SER C 65 11.85 -17.53 -9.91
N GLY C 66 12.52 -18.12 -10.90
CA GLY C 66 13.18 -19.40 -10.70
C GLY C 66 12.76 -20.54 -11.61
N TYR C 67 13.75 -21.35 -12.05
CA TYR C 67 13.50 -22.49 -12.90
C TYR C 67 14.20 -23.77 -12.46
N GLY C 68 15.24 -23.70 -11.64
CA GLY C 68 15.87 -24.95 -11.24
C GLY C 68 15.65 -25.24 -9.78
N THR C 69 16.70 -24.98 -8.99
CA THR C 69 16.69 -25.14 -7.55
C THR C 69 16.95 -23.79 -6.90
N ASP C 70 16.46 -22.73 -7.55
CA ASP C 70 16.61 -21.35 -7.10
C ASP C 70 15.30 -20.63 -7.37
N PHE C 71 14.48 -20.45 -6.34
CA PHE C 71 13.21 -19.77 -6.46
C PHE C 71 13.17 -18.55 -5.56
N THR C 72 12.42 -17.53 -5.98
CA THR C 72 12.32 -16.29 -5.21
C THR C 72 10.95 -15.66 -5.35
N LEU C 73 10.55 -14.95 -4.30
CA LEU C 73 9.29 -14.21 -4.25
C LEU C 73 9.66 -12.78 -3.89
N THR C 74 9.30 -11.82 -4.75
CA THR C 74 9.66 -10.43 -4.55
C THR C 74 8.44 -9.53 -4.37
N ILE C 75 8.58 -8.54 -3.48
CA ILE C 75 7.56 -7.54 -3.20
C ILE C 75 8.21 -6.20 -3.49
N SER C 76 7.71 -5.51 -4.52
CA SER C 76 8.27 -4.21 -4.91
C SER C 76 8.22 -3.21 -3.77
N SER C 77 7.03 -2.96 -3.24
CA SER C 77 6.84 -2.03 -2.14
C SER C 77 6.06 -2.79 -1.07
N LEU C 78 6.68 -2.98 0.10
CA LEU C 78 6.04 -3.71 1.19
C LEU C 78 4.94 -2.87 1.84
N GLN C 79 3.77 -3.49 2.01
CA GLN C 79 2.62 -2.84 2.63
C GLN C 79 2.33 -3.48 3.99
N ALA C 80 1.60 -2.74 4.83
CA ALA C 80 1.28 -3.25 6.16
C ALA C 80 0.50 -4.56 6.10
N GLU C 81 -0.37 -4.73 5.10
CA GLU C 81 -1.14 -5.96 4.99
C GLU C 81 -0.31 -7.16 4.53
N ASP C 82 0.98 -6.95 4.22
CA ASP C 82 1.86 -8.03 3.78
C ASP C 82 2.47 -8.84 4.92
N VAL C 83 2.30 -8.41 6.17
CA VAL C 83 2.86 -9.13 7.31
C VAL C 83 2.18 -10.49 7.38
N ALA C 84 2.93 -11.55 7.12
CA ALA C 84 2.45 -12.92 7.16
C ALA C 84 3.60 -13.88 6.93
N VAL C 85 3.30 -15.17 6.94
CA VAL C 85 4.28 -16.22 6.68
C VAL C 85 4.12 -16.62 5.21
N TYR C 86 5.24 -16.84 4.52
CA TYR C 86 5.21 -17.18 3.11
C TYR C 86 5.84 -18.56 2.90
N TYR C 87 5.01 -19.52 2.48
CA TYR C 87 5.42 -20.89 2.23
C TYR C 87 5.52 -21.18 0.73
N CYS C 88 6.57 -21.88 0.33
CA CYS C 88 6.75 -22.32 -1.05
C CYS C 88 6.29 -23.77 -1.12
N HIS C 89 5.98 -24.22 -2.34
CA HIS C 89 5.48 -25.59 -2.48
C HIS C 89 5.88 -26.17 -3.83
N GLN C 90 6.38 -27.41 -3.83
CA GLN C 90 6.80 -28.08 -5.04
C GLN C 90 5.75 -29.11 -5.46
N ALA C 91 5.48 -29.16 -6.76
CA ALA C 91 4.51 -30.09 -7.34
C ALA C 91 5.15 -30.94 -8.42
N TYR C 92 6.47 -31.14 -8.33
CA TYR C 92 7.20 -31.92 -9.33
C TYR C 92 6.97 -33.42 -9.12
N SER C 93 7.36 -33.93 -7.96
CA SER C 93 7.20 -35.33 -7.65
C SER C 93 6.84 -35.48 -6.18
N SER C 94 6.28 -36.64 -5.84
CA SER C 94 5.90 -36.92 -4.47
C SER C 94 7.14 -36.85 -3.58
N PRO C 95 6.99 -36.51 -2.29
CA PRO C 95 5.71 -36.20 -1.61
C PRO C 95 5.25 -34.75 -1.69
N TYR C 96 5.48 -34.05 -2.80
CA TYR C 96 5.04 -32.66 -2.98
C TYR C 96 5.23 -31.86 -1.69
N THR C 97 6.48 -31.84 -1.23
CA THR C 97 6.81 -31.16 0.02
C THR C 97 6.67 -29.65 -0.09
N PHE C 98 6.60 -29.01 1.08
CA PHE C 98 6.50 -27.58 1.29
C PHE C 98 7.81 -27.11 1.91
N GLY C 99 7.92 -25.80 2.07
CA GLY C 99 9.07 -25.20 2.72
C GLY C 99 8.82 -25.20 4.21
N GLN C 100 9.43 -24.25 4.91
CA GLN C 100 9.22 -24.14 6.34
C GLN C 100 8.70 -22.76 6.71
N GLY C 101 8.44 -21.90 5.72
CA GLY C 101 7.93 -20.57 5.98
C GLY C 101 8.97 -19.55 6.37
N THR C 102 8.74 -18.31 5.94
CA THR C 102 9.58 -17.17 6.21
C THR C 102 8.68 -16.09 6.80
N LYS C 103 8.89 -15.78 8.08
CA LYS C 103 8.06 -14.76 8.71
C LYS C 103 8.44 -13.39 8.20
N LEU C 104 7.48 -12.69 7.61
CA LEU C 104 7.67 -11.36 7.07
C LEU C 104 7.04 -10.37 8.04
N GLU C 105 7.86 -9.52 8.64
CA GLU C 105 7.39 -8.54 9.61
C GLU C 105 7.86 -7.15 9.22
N ILE C 106 7.06 -6.15 9.62
CA ILE C 106 7.33 -4.75 9.34
C ILE C 106 8.13 -4.10 10.46
N LYS C 107 9.04 -3.21 10.06
CA LYS C 107 9.87 -2.42 10.96
C LYS C 107 9.36 -0.99 10.88
N ARG C 108 9.18 -0.35 12.02
CA ARG C 108 8.64 1.01 12.02
C ARG C 108 9.14 1.76 13.24
N THR C 109 8.57 2.94 13.47
CA THR C 109 8.92 3.82 14.57
C THR C 109 8.30 3.32 15.88
N VAL C 110 8.74 3.92 16.98
CA VAL C 110 8.27 3.55 18.31
C VAL C 110 6.93 4.21 18.60
N ALA C 111 6.04 3.45 19.26
CA ALA C 111 4.73 3.94 19.63
C ALA C 111 4.42 3.53 21.06
N ALA C 112 3.64 4.37 21.75
CA ALA C 112 3.29 4.06 23.13
C ALA C 112 1.98 3.27 23.17
N PRO C 113 1.84 2.34 24.11
CA PRO C 113 0.61 1.53 24.17
C PRO C 113 -0.56 2.24 24.83
N SER C 114 -1.73 2.15 24.18
CA SER C 114 -2.94 2.71 24.74
C SER C 114 -3.41 1.69 25.78
N VAL C 115 -3.43 2.09 27.05
CA VAL C 115 -3.77 1.17 28.12
C VAL C 115 -5.22 1.32 28.55
N PHE C 116 -5.87 0.17 28.76
CA PHE C 116 -7.25 0.07 29.19
C PHE C 116 -7.30 -1.06 30.21
N ILE C 117 -8.13 -0.90 31.24
CA ILE C 117 -8.27 -1.91 32.29
C ILE C 117 -9.75 -2.22 32.46
N PHE C 118 -10.06 -3.49 32.71
CA PHE C 118 -11.44 -3.92 32.86
C PHE C 118 -11.65 -4.66 34.16
N PRO C 119 -12.70 -4.33 34.92
CA PRO C 119 -12.98 -5.05 36.17
C PRO C 119 -13.70 -6.35 35.85
N PRO C 120 -13.88 -7.24 36.82
CA PRO C 120 -14.60 -8.49 36.53
C PRO C 120 -16.09 -8.25 36.50
N SER C 121 -16.77 -8.98 35.60
CA SER C 121 -18.20 -8.84 35.45
C SER C 121 -18.93 -9.54 36.60
N ASP C 122 -20.11 -9.01 36.94
CA ASP C 122 -20.89 -9.62 38.01
C ASP C 122 -21.31 -11.04 37.65
N GLU C 123 -21.19 -11.43 36.38
CA GLU C 123 -21.54 -12.79 35.97
C GLU C 123 -20.48 -13.77 36.43
N GLN C 124 -19.20 -13.44 36.15
CA GLN C 124 -18.12 -14.32 36.58
C GLN C 124 -17.98 -14.29 38.10
N LEU C 125 -18.14 -13.11 38.70
CA LEU C 125 -18.04 -12.96 40.15
C LEU C 125 -18.95 -13.95 40.87
N LYS C 126 -20.05 -14.34 40.22
CA LYS C 126 -21.00 -15.29 40.76
C LYS C 126 -20.56 -16.74 40.58
N SER C 127 -19.27 -16.97 40.29
CA SER C 127 -18.74 -18.30 40.08
C SER C 127 -17.42 -18.52 40.81
N GLY C 128 -17.10 -17.68 41.80
CA GLY C 128 -15.87 -17.85 42.56
C GLY C 128 -14.67 -17.07 42.05
N THR C 129 -14.23 -17.34 40.83
CA THR C 129 -13.08 -16.61 40.31
C THR C 129 -13.48 -15.21 39.85
N ALA C 130 -12.47 -14.36 39.67
CA ALA C 130 -12.65 -12.99 39.23
C ALA C 130 -11.44 -12.62 38.40
N SER C 131 -11.65 -12.25 37.14
CA SER C 131 -10.56 -11.90 36.24
C SER C 131 -10.55 -10.41 35.90
N VAL C 132 -9.39 -9.79 36.06
CA VAL C 132 -9.17 -8.39 35.73
C VAL C 132 -8.21 -8.38 34.55
N VAL C 133 -8.55 -7.63 33.51
CA VAL C 133 -7.74 -7.60 32.30
C VAL C 133 -7.23 -6.19 32.02
N CYS C 134 -5.96 -6.12 31.61
CA CYS C 134 -5.29 -4.90 31.23
C CYS C 134 -5.04 -5.02 29.73
N LEU C 135 -5.17 -3.93 28.99
CA LEU C 135 -5.00 -3.99 27.54
C LEU C 135 -3.99 -2.98 27.01
N LEU C 136 -2.88 -3.50 26.48
CA LEU C 136 -1.87 -2.67 25.85
C LEU C 136 -2.21 -2.71 24.36
N ASN C 137 -2.60 -1.62 23.78
CA ASN C 137 -2.93 -1.51 22.39
C ASN C 137 -2.20 -0.54 21.51
N ASN C 138 -1.95 -1.06 20.30
CA ASN C 138 -1.27 -0.43 19.21
C ASN C 138 0.04 0.22 19.62
N PHE C 139 1.00 -0.60 20.06
CA PHE C 139 2.32 -0.12 20.48
C PHE C 139 3.41 -0.81 19.68
N TYR C 140 4.65 -0.31 19.84
CA TYR C 140 5.81 -0.85 19.16
C TYR C 140 7.05 -0.42 19.93
N PRO C 141 8.04 -1.32 20.14
CA PRO C 141 8.09 -2.73 19.72
C PRO C 141 7.20 -3.66 20.56
N ARG C 142 7.51 -4.96 20.46
CA ARG C 142 6.73 -5.97 21.19
C ARG C 142 7.12 -6.02 22.66
N GLU C 143 8.40 -5.84 22.97
CA GLU C 143 8.86 -5.89 24.36
C GLU C 143 8.19 -4.79 25.18
N ALA C 144 7.39 -5.20 26.16
CA ALA C 144 6.68 -4.24 27.01
C ALA C 144 6.35 -4.90 28.34
N LYS C 145 6.81 -4.31 29.44
CA LYS C 145 6.56 -4.84 30.77
C LYS C 145 5.25 -4.32 31.33
N VAL C 146 4.50 -5.22 31.99
CA VAL C 146 3.22 -4.90 32.61
C VAL C 146 3.28 -5.30 34.06
N GLN C 147 2.82 -4.42 34.96
CA GLN C 147 2.84 -4.69 36.39
C GLN C 147 1.42 -4.66 36.96
N TRP C 148 1.19 -5.49 37.97
CA TRP C 148 -0.10 -5.61 38.62
C TRP C 148 0.01 -5.20 40.09
N LYS C 149 -0.87 -4.30 40.52
CA LYS C 149 -0.88 -3.82 41.89
C LYS C 149 -2.31 -3.80 42.43
N VAL C 150 -2.54 -4.49 43.53
CA VAL C 150 -3.85 -4.51 44.19
C VAL C 150 -3.61 -3.97 45.60
N ASP C 151 -4.21 -2.82 45.89
CA ASP C 151 -4.02 -2.16 47.19
C ASP C 151 -2.53 -1.91 47.42
N ASN C 152 -1.84 -1.49 46.35
CA ASN C 152 -0.40 -1.22 46.33
C ASN C 152 0.45 -2.45 46.61
N ALA C 153 -0.11 -3.65 46.39
CA ALA C 153 0.60 -4.91 46.61
C ALA C 153 0.98 -5.49 45.26
N LEU C 154 2.29 -5.62 45.02
CA LEU C 154 2.78 -6.14 43.75
C LEU C 154 2.37 -7.59 43.53
N GLN C 155 1.55 -7.82 42.50
CA GLN C 155 1.09 -9.16 42.17
C GLN C 155 2.18 -9.92 41.41
N SER C 156 2.23 -11.23 41.64
CA SER C 156 3.22 -12.06 40.98
C SER C 156 2.77 -13.51 40.99
N GLY C 157 2.84 -14.16 39.83
CA GLY C 157 2.48 -15.55 39.68
C GLY C 157 1.01 -15.85 39.45
N ASN C 158 0.15 -14.83 39.41
CA ASN C 158 -1.28 -15.06 39.21
C ASN C 158 -1.80 -14.48 37.90
N SER C 159 -1.00 -13.72 37.16
CA SER C 159 -1.42 -13.13 35.90
C SER C 159 -0.95 -14.00 34.73
N GLN C 160 -1.48 -13.69 33.54
CA GLN C 160 -1.15 -14.39 32.31
C GLN C 160 -1.14 -13.39 31.18
N GLU C 161 -0.02 -13.29 30.47
CA GLU C 161 0.12 -12.35 29.37
C GLU C 161 -0.11 -13.03 28.02
N SER C 162 -0.61 -12.24 27.08
CA SER C 162 -0.89 -12.71 25.71
C SER C 162 -0.62 -11.54 24.78
N VAL C 163 0.09 -11.79 23.69
CA VAL C 163 0.44 -10.75 22.73
C VAL C 163 -0.04 -11.16 21.34
N THR C 164 -0.67 -10.22 20.65
CA THR C 164 -1.14 -10.46 19.30
C THR C 164 0.04 -10.39 18.33
N GLU C 165 -0.20 -10.84 17.11
CA GLU C 165 0.84 -10.78 16.11
C GLU C 165 0.97 -9.33 15.63
N GLN C 166 1.82 -9.09 14.63
CA GLN C 166 1.98 -7.74 14.13
C GLN C 166 0.69 -7.28 13.45
N ASP C 167 0.09 -6.21 13.98
CA ASP C 167 -1.14 -5.65 13.43
C ASP C 167 -1.01 -5.47 11.92
N SER C 168 -2.10 -5.70 11.21
CA SER C 168 -2.11 -5.57 9.75
C SER C 168 -2.63 -4.22 9.26
N LYS C 169 -2.77 -3.24 10.15
CA LYS C 169 -3.24 -1.92 9.73
C LYS C 169 -2.19 -0.84 9.98
N ASP C 170 -1.60 -0.80 11.17
CA ASP C 170 -0.56 0.17 11.48
C ASP C 170 0.74 -0.51 11.90
N SER C 171 0.86 -1.81 11.64
CA SER C 171 2.05 -2.61 11.92
C SER C 171 2.45 -2.61 13.40
N THR C 172 1.48 -2.52 14.30
CA THR C 172 1.74 -2.52 15.73
C THR C 172 1.42 -3.87 16.35
N TYR C 173 1.49 -3.94 17.67
CA TYR C 173 1.19 -5.13 18.45
C TYR C 173 0.11 -4.79 19.48
N SER C 174 -0.27 -5.80 20.26
CA SER C 174 -1.28 -5.64 21.31
C SER C 174 -1.04 -6.69 22.36
N LEU C 175 -1.11 -6.28 23.63
CA LEU C 175 -0.88 -7.17 24.75
C LEU C 175 -2.05 -7.10 25.71
N SER C 176 -2.37 -8.24 26.33
CA SER C 176 -3.46 -8.32 27.28
C SER C 176 -3.03 -9.17 28.47
N SER C 177 -2.88 -8.53 29.63
CA SER C 177 -2.53 -9.22 30.86
C SER C 177 -3.83 -9.52 31.59
N THR C 178 -3.95 -10.72 32.15
CA THR C 178 -5.18 -11.12 32.82
C THR C 178 -4.90 -11.64 34.22
N LEU C 179 -5.18 -10.80 35.22
CA LEU C 179 -4.99 -11.17 36.62
C LEU C 179 -6.24 -11.93 37.06
N THR C 180 -6.06 -13.19 37.46
CA THR C 180 -7.17 -14.03 37.89
C THR C 180 -7.11 -14.22 39.40
N LEU C 181 -8.15 -13.77 40.09
CA LEU C 181 -8.23 -13.87 41.54
C LEU C 181 -9.59 -14.43 41.95
N SER C 182 -9.64 -14.95 43.17
CA SER C 182 -10.87 -15.49 43.70
C SER C 182 -11.76 -14.34 44.16
N LYS C 183 -13.07 -14.58 44.19
CA LYS C 183 -14.00 -13.54 44.60
C LYS C 183 -13.67 -13.04 46.00
N ALA C 184 -13.52 -13.97 46.95
CA ALA C 184 -13.21 -13.59 48.34
C ALA C 184 -12.04 -12.63 48.39
N ASP C 185 -10.98 -12.91 47.63
CA ASP C 185 -9.82 -12.04 47.60
C ASP C 185 -10.12 -10.76 46.82
N TYR C 186 -10.97 -10.84 45.80
CA TYR C 186 -11.28 -9.64 45.03
C TYR C 186 -12.14 -8.67 45.82
N GLU C 187 -13.02 -9.17 46.68
CA GLU C 187 -13.86 -8.30 47.50
C GLU C 187 -13.16 -7.82 48.76
N LYS C 188 -12.04 -8.45 49.13
CA LYS C 188 -11.29 -8.07 50.32
C LYS C 188 -10.38 -6.86 50.08
N HIS C 189 -10.17 -6.47 48.83
CA HIS C 189 -9.33 -5.34 48.48
C HIS C 189 -10.15 -4.35 47.65
N LYS C 190 -9.66 -3.12 47.55
CA LYS C 190 -10.41 -2.09 46.83
C LYS C 190 -9.72 -1.49 45.61
N VAL C 191 -8.46 -1.09 45.71
CA VAL C 191 -7.77 -0.45 44.59
C VAL C 191 -7.02 -1.46 43.74
N TYR C 192 -7.37 -1.53 42.45
CA TYR C 192 -6.76 -2.42 41.49
C TYR C 192 -6.15 -1.56 40.39
N ALA C 193 -4.84 -1.64 40.20
CA ALA C 193 -4.15 -0.83 39.20
C ALA C 193 -3.28 -1.70 38.33
N CYS C 194 -3.02 -1.19 37.11
CA CYS C 194 -2.20 -1.86 36.12
C CYS C 194 -1.12 -0.89 35.66
N GLU C 195 0.13 -1.18 35.99
CA GLU C 195 1.26 -0.34 35.61
C GLU C 195 1.92 -0.91 34.36
N VAL C 196 2.12 -0.08 33.35
CA VAL C 196 2.70 -0.50 32.09
C VAL C 196 3.99 0.28 31.84
N THR C 197 5.10 -0.45 31.72
CA THR C 197 6.41 0.12 31.43
C THR C 197 6.73 -0.20 29.98
N HIS C 198 7.18 0.81 29.23
CA HIS C 198 7.49 0.57 27.82
C HIS C 198 8.50 1.61 27.34
N GLN C 199 9.10 1.31 26.19
CA GLN C 199 10.09 2.19 25.59
C GLN C 199 9.47 3.54 25.19
N GLY C 200 8.23 3.52 24.71
CA GLY C 200 7.57 4.74 24.31
C GLY C 200 7.00 5.57 25.45
N LEU C 201 7.16 5.13 26.69
CA LEU C 201 6.66 5.85 27.86
C LEU C 201 7.83 6.26 28.74
N SER C 202 8.02 7.57 28.92
CA SER C 202 9.11 8.06 29.76
C SER C 202 8.93 7.61 31.21
N SER C 203 7.70 7.47 31.66
CA SER C 203 7.35 7.02 32.98
C SER C 203 6.23 5.99 32.80
N PRO C 204 6.23 4.93 33.61
CA PRO C 204 5.20 3.90 33.44
C PRO C 204 3.80 4.43 33.73
N VAL C 205 2.90 4.21 32.78
CA VAL C 205 1.52 4.65 32.92
C VAL C 205 0.81 3.70 33.87
N THR C 206 -0.23 4.20 34.54
CA THR C 206 -0.99 3.39 35.48
C THR C 206 -2.48 3.64 35.26
N LYS C 207 -3.27 2.59 35.46
CA LYS C 207 -4.72 2.64 35.29
C LYS C 207 -5.38 2.17 36.58
N SER C 208 -5.86 3.11 37.37
CA SER C 208 -6.52 2.79 38.62
C SER C 208 -8.01 2.61 38.42
N PHE C 209 -8.60 1.78 39.29
CA PHE C 209 -10.04 1.52 39.27
C PHE C 209 -10.39 0.90 40.61
N ASN C 210 -11.40 1.46 41.28
CA ASN C 210 -11.84 1.01 42.58
C ASN C 210 -13.17 0.28 42.45
N ARG C 211 -13.36 -0.73 43.29
CA ARG C 211 -14.60 -1.50 43.27
C ARG C 211 -15.78 -0.60 43.64
N GLY C 212 -16.92 -0.84 43.00
CA GLY C 212 -18.11 -0.06 43.28
C GLY C 212 -18.28 1.15 42.38
N GLU C 213 -17.33 2.09 42.40
CA GLU C 213 -17.44 3.28 41.58
C GLU C 213 -16.83 3.09 40.20
N ASN D 5 -23.14 -9.56 -6.94
CA ASN D 5 -23.62 -8.46 -7.78
C ASN D 5 -22.67 -7.92 -8.86
N PRO D 6 -21.72 -8.70 -9.39
CA PRO D 6 -20.81 -8.14 -10.41
C PRO D 6 -21.34 -8.38 -11.81
N PRO D 7 -20.94 -7.53 -12.76
CA PRO D 7 -21.38 -7.70 -14.15
C PRO D 7 -20.39 -8.57 -14.94
N THR D 8 -20.81 -8.98 -16.12
CA THR D 8 -20.00 -9.79 -17.00
C THR D 8 -19.61 -9.04 -18.26
N PHE D 9 -18.48 -9.43 -18.83
CA PHE D 9 -17.92 -8.83 -20.04
C PHE D 9 -17.44 -9.97 -20.91
N SER D 10 -18.01 -10.11 -22.10
CA SER D 10 -17.65 -11.18 -23.01
C SER D 10 -17.48 -10.63 -24.41
N PRO D 11 -16.75 -11.36 -25.28
CA PRO D 11 -16.08 -12.64 -25.03
C PRO D 11 -14.77 -12.50 -24.28
N ALA D 12 -14.32 -13.60 -23.64
CA ALA D 12 -13.06 -13.56 -22.90
C ALA D 12 -11.96 -12.98 -23.77
N LEU D 13 -11.80 -13.52 -24.98
CA LEU D 13 -10.81 -13.04 -25.93
C LEU D 13 -11.56 -12.78 -27.23
N LEU D 14 -11.27 -11.66 -27.88
CA LEU D 14 -11.94 -11.28 -29.12
C LEU D 14 -10.90 -10.94 -30.18
N VAL D 15 -10.73 -11.84 -31.14
CA VAL D 15 -9.80 -11.62 -32.24
C VAL D 15 -10.56 -10.93 -33.36
N VAL D 16 -9.85 -10.10 -34.13
CA VAL D 16 -10.45 -9.36 -35.22
C VAL D 16 -9.35 -8.92 -36.16
N THR D 17 -9.69 -8.76 -37.43
CA THR D 17 -8.74 -8.34 -38.44
C THR D 17 -8.68 -6.81 -38.49
N GLU D 18 -7.46 -6.28 -38.68
CA GLU D 18 -7.26 -4.84 -38.72
C GLU D 18 -8.17 -4.19 -39.74
N GLY D 19 -8.97 -3.23 -39.27
CA GLY D 19 -9.93 -2.50 -40.07
C GLY D 19 -11.38 -2.84 -39.74
N ASP D 20 -11.63 -4.06 -39.28
CA ASP D 20 -12.96 -4.50 -38.92
C ASP D 20 -13.40 -3.89 -37.60
N ASN D 21 -14.59 -4.29 -37.14
CA ASN D 21 -15.14 -3.82 -35.89
C ASN D 21 -15.01 -4.89 -34.81
N ALA D 22 -14.85 -4.44 -33.57
CA ALA D 22 -14.72 -5.31 -32.42
C ALA D 22 -15.84 -4.97 -31.46
N THR D 23 -16.72 -5.93 -31.20
CA THR D 23 -17.87 -5.72 -30.33
C THR D 23 -17.82 -6.58 -29.08
N PHE D 24 -17.59 -5.95 -27.93
CA PHE D 24 -17.61 -6.63 -26.66
C PHE D 24 -19.03 -6.55 -26.11
N THR D 25 -19.35 -7.32 -25.08
CA THR D 25 -20.70 -7.31 -24.56
C THR D 25 -20.71 -7.26 -23.03
N CYS D 26 -21.06 -6.09 -22.48
CA CYS D 26 -21.16 -5.89 -21.05
C CYS D 26 -22.63 -6.07 -20.69
N SER D 27 -22.95 -7.14 -19.96
CA SER D 27 -24.32 -7.43 -19.57
C SER D 27 -24.48 -7.19 -18.08
N PHE D 28 -25.32 -6.22 -17.71
CA PHE D 28 -25.52 -5.92 -16.31
C PHE D 28 -26.83 -5.20 -16.07
N SER D 29 -27.52 -5.57 -14.99
CA SER D 29 -28.77 -4.94 -14.57
C SER D 29 -28.96 -5.31 -13.10
N ASN D 30 -28.94 -4.31 -12.21
CA ASN D 30 -29.10 -4.56 -10.79
C ASN D 30 -30.58 -4.45 -10.41
N THR D 31 -30.84 -4.46 -9.10
CA THR D 31 -32.22 -4.40 -8.59
C THR D 31 -32.95 -3.15 -9.05
N SER D 32 -32.46 -1.97 -8.66
CA SER D 32 -33.11 -0.71 -9.02
C SER D 32 -32.88 -0.30 -10.47
N GLU D 33 -31.90 -0.89 -11.16
CA GLU D 33 -31.58 -0.54 -12.53
C GLU D 33 -31.32 0.96 -12.68
N SER D 34 -30.64 1.51 -11.68
CA SER D 34 -30.25 2.92 -11.59
C SER D 34 -28.73 2.84 -11.49
N PHE D 35 -28.06 2.80 -12.64
CA PHE D 35 -26.62 2.67 -12.66
C PHE D 35 -26.05 3.40 -13.87
N VAL D 36 -24.72 3.42 -13.94
CA VAL D 36 -23.97 4.01 -15.04
C VAL D 36 -22.83 3.04 -15.35
N LEU D 37 -22.62 2.77 -16.63
CA LEU D 37 -21.57 1.85 -17.03
C LEU D 37 -20.30 2.60 -17.37
N ASN D 38 -19.18 1.88 -17.34
CA ASN D 38 -17.87 2.45 -17.61
C ASN D 38 -17.02 1.44 -18.37
N TRP D 39 -16.77 1.71 -19.64
CA TRP D 39 -15.95 0.83 -20.47
C TRP D 39 -14.51 1.31 -20.30
N TYR D 40 -13.66 0.45 -19.74
CA TYR D 40 -12.26 0.78 -19.50
C TYR D 40 -11.33 -0.05 -20.37
N ARG D 41 -10.04 0.22 -20.18
CA ARG D 41 -8.95 -0.45 -20.86
C ARG D 41 -7.81 -0.54 -19.86
N MET D 42 -7.30 -1.75 -19.62
CA MET D 42 -6.22 -1.96 -18.68
C MET D 42 -4.90 -2.12 -19.42
N SER D 43 -3.91 -1.35 -18.98
CA SER D 43 -2.58 -1.36 -19.57
C SER D 43 -1.72 -2.41 -18.88
N PRO D 44 -0.52 -2.69 -19.41
CA PRO D 44 0.34 -3.68 -18.74
C PRO D 44 0.64 -3.29 -17.30
N SER D 45 0.94 -2.02 -17.05
CA SER D 45 1.20 -1.54 -15.70
C SER D 45 -0.07 -1.45 -14.86
N ASN D 46 -1.20 -1.87 -15.44
CA ASN D 46 -2.53 -1.89 -14.82
C ASN D 46 -3.13 -0.51 -14.59
N GLN D 47 -2.67 0.52 -15.31
CA GLN D 47 -3.27 1.85 -15.17
C GLN D 47 -4.43 1.86 -16.14
N THR D 48 -5.62 2.20 -15.65
CA THR D 48 -6.81 2.17 -16.48
C THR D 48 -6.94 3.39 -17.39
N ASP D 49 -7.82 3.23 -18.38
CA ASP D 49 -8.12 4.25 -19.38
C ASP D 49 -9.60 4.11 -19.70
N LYS D 50 -10.39 5.11 -19.32
CA LYS D 50 -11.82 5.08 -19.60
C LYS D 50 -12.07 5.34 -21.07
N LEU D 51 -12.86 4.47 -21.71
CA LEU D 51 -13.17 4.59 -23.13
C LEU D 51 -14.50 5.30 -23.36
N ALA D 52 -15.57 4.78 -22.76
CA ALA D 52 -16.89 5.35 -22.91
C ALA D 52 -17.69 5.04 -21.64
N ALA D 53 -18.94 5.46 -21.62
CA ALA D 53 -19.78 5.24 -20.44
C ALA D 53 -21.24 5.29 -20.85
N PHE D 54 -22.07 4.53 -20.13
CA PHE D 54 -23.50 4.52 -20.39
C PHE D 54 -24.26 4.90 -19.12
N PRO D 55 -25.18 5.88 -19.16
CA PRO D 55 -25.59 6.73 -20.28
C PRO D 55 -24.38 7.43 -20.90
N GLU D 56 -24.44 7.73 -22.18
CA GLU D 56 -23.29 8.33 -22.88
C GLU D 56 -22.78 9.58 -22.19
N ASP D 57 -21.54 9.50 -21.71
CA ASP D 57 -20.88 10.63 -21.07
C ASP D 57 -20.58 11.63 -22.18
N ARG D 58 -21.26 12.78 -22.16
CA ARG D 58 -21.08 13.79 -23.20
C ARG D 58 -19.65 14.32 -23.23
N SER D 59 -19.20 14.91 -22.13
CA SER D 59 -17.86 15.46 -22.10
C SER D 59 -16.87 14.52 -21.41
N SER D 65 -14.68 9.64 -31.42
CA SER D 65 -15.90 8.83 -31.41
C SER D 65 -15.68 7.48 -32.05
N ARG D 66 -14.63 6.78 -31.63
CA ARG D 66 -14.28 5.47 -32.15
C ARG D 66 -14.70 4.33 -31.22
N PHE D 67 -15.35 4.64 -30.10
CA PHE D 67 -15.77 3.63 -29.12
C PHE D 67 -17.23 3.89 -28.76
N ARG D 68 -18.14 3.16 -29.43
CA ARG D 68 -19.56 3.31 -29.19
C ARG D 68 -20.06 2.28 -28.17
N VAL D 69 -20.96 2.74 -27.31
CA VAL D 69 -21.60 1.91 -26.30
C VAL D 69 -23.08 1.93 -26.64
N THR D 70 -23.64 0.76 -26.96
CA THR D 70 -25.03 0.67 -27.36
C THR D 70 -25.81 -0.33 -26.52
N GLN D 71 -26.97 0.11 -26.03
CA GLN D 71 -27.84 -0.75 -25.24
C GLN D 71 -28.73 -1.55 -26.18
N LEU D 72 -28.98 -2.80 -25.81
CA LEU D 72 -29.80 -3.69 -26.62
C LEU D 72 -31.25 -3.64 -26.15
N PRO D 73 -32.19 -4.19 -26.96
CA PRO D 73 -33.62 -4.16 -26.59
C PRO D 73 -33.96 -4.49 -25.15
N ASN D 74 -33.53 -5.65 -24.66
CA ASN D 74 -33.84 -6.07 -23.30
C ASN D 74 -33.43 -5.03 -22.26
N GLY D 75 -32.25 -4.45 -22.41
CA GLY D 75 -31.74 -3.48 -21.46
C GLY D 75 -30.72 -4.04 -20.51
N ARG D 76 -30.35 -5.30 -20.64
CA ARG D 76 -29.36 -5.95 -19.80
C ARG D 76 -28.02 -6.07 -20.51
N ASP D 77 -28.03 -6.31 -21.82
CA ASP D 77 -26.82 -6.44 -22.61
C ASP D 77 -26.43 -5.08 -23.17
N PHE D 78 -25.13 -4.90 -23.39
CA PHE D 78 -24.61 -3.65 -23.92
C PHE D 78 -23.47 -3.94 -24.88
N HIS D 79 -23.53 -3.35 -26.07
CA HIS D 79 -22.48 -3.52 -27.05
C HIS D 79 -21.39 -2.49 -26.83
N MET D 80 -20.14 -2.93 -26.92
CA MET D 80 -18.97 -2.08 -26.75
C MET D 80 -18.19 -2.28 -28.05
N SER D 81 -18.51 -1.47 -29.05
CA SER D 81 -17.91 -1.57 -30.37
C SER D 81 -16.76 -0.59 -30.59
N VAL D 82 -15.68 -1.09 -31.18
CA VAL D 82 -14.51 -0.30 -31.51
C VAL D 82 -14.61 -0.05 -33.01
N VAL D 83 -15.00 1.16 -33.39
CA VAL D 83 -15.14 1.50 -34.81
C VAL D 83 -13.76 1.66 -35.44
N ARG D 84 -13.57 1.03 -36.59
CA ARG D 84 -12.29 1.08 -37.32
C ARG D 84 -11.14 0.68 -36.41
N ALA D 85 -11.20 -0.56 -35.93
CA ALA D 85 -10.19 -1.12 -35.04
C ALA D 85 -8.79 -0.99 -35.63
N ARG D 86 -7.90 -0.37 -34.87
CA ARG D 86 -6.52 -0.17 -35.28
C ARG D 86 -5.60 -1.15 -34.56
N ARG D 87 -4.40 -1.31 -35.10
CA ARG D 87 -3.43 -2.25 -34.55
C ARG D 87 -3.11 -1.94 -33.08
N ASN D 88 -2.81 -0.69 -32.77
CA ASN D 88 -2.46 -0.33 -31.40
C ASN D 88 -3.68 -0.17 -30.52
N ASP D 89 -4.52 -1.21 -30.48
CA ASP D 89 -5.72 -1.23 -29.65
C ASP D 89 -5.71 -2.49 -28.80
N SER D 90 -5.11 -3.55 -29.35
CA SER D 90 -5.01 -4.83 -28.67
C SER D 90 -4.53 -4.67 -27.24
N GLY D 91 -5.25 -5.26 -26.32
CA GLY D 91 -4.90 -5.16 -24.91
C GLY D 91 -6.07 -5.60 -24.04
N THR D 92 -5.91 -5.39 -22.75
CA THR D 92 -6.94 -5.75 -21.79
C THR D 92 -8.02 -4.68 -21.67
N TYR D 93 -9.27 -5.13 -21.68
CA TYR D 93 -10.44 -4.26 -21.56
C TYR D 93 -11.36 -4.83 -20.49
N LEU D 94 -12.24 -3.99 -19.97
CA LEU D 94 -13.19 -4.41 -18.94
C LEU D 94 -14.20 -3.29 -18.70
N CYS D 95 -15.41 -3.69 -18.35
CA CYS D 95 -16.48 -2.75 -18.07
C CYS D 95 -16.79 -2.76 -16.58
N GLY D 96 -17.45 -1.69 -16.11
CA GLY D 96 -17.79 -1.57 -14.72
C GLY D 96 -19.18 -0.96 -14.56
N ALA D 97 -19.73 -1.14 -13.36
CA ALA D 97 -21.04 -0.62 -13.02
C ALA D 97 -20.94 0.19 -11.73
N ILE D 98 -21.50 1.39 -11.75
CA ILE D 98 -21.45 2.26 -10.58
C ILE D 98 -22.83 2.40 -9.96
N GLN D 105 -19.89 2.47 -4.62
CA GLN D 105 -19.76 1.07 -5.01
C GLN D 105 -19.68 0.91 -6.53
N ILE D 106 -18.48 0.62 -7.02
CA ILE D 106 -18.26 0.41 -8.45
C ILE D 106 -17.74 -1.01 -8.62
N LYS D 107 -18.61 -1.92 -9.06
CA LYS D 107 -18.22 -3.30 -9.27
C LYS D 107 -17.64 -3.44 -10.68
N GLU D 108 -16.44 -3.98 -10.76
CA GLU D 108 -15.77 -4.19 -12.04
C GLU D 108 -15.93 -5.63 -12.49
N SER D 109 -15.97 -5.82 -13.81
CA SER D 109 -16.13 -7.14 -14.39
C SER D 109 -14.77 -7.79 -14.64
N LEU D 110 -14.80 -8.97 -15.25
CA LEU D 110 -13.56 -9.67 -15.55
C LEU D 110 -12.80 -8.94 -16.64
N ARG D 111 -11.54 -9.33 -16.82
CA ARG D 111 -10.66 -8.68 -17.79
C ARG D 111 -10.67 -9.43 -19.11
N ALA D 112 -11.30 -8.85 -20.12
CA ALA D 112 -11.35 -9.41 -21.46
C ALA D 112 -10.23 -8.79 -22.28
N GLU D 113 -9.80 -9.50 -23.32
CA GLU D 113 -8.72 -8.98 -24.15
C GLU D 113 -9.12 -8.97 -25.62
N LEU D 114 -8.54 -8.02 -26.34
CA LEU D 114 -8.78 -7.83 -27.76
C LEU D 114 -7.47 -8.07 -28.52
N ARG D 115 -7.57 -8.72 -29.66
CA ARG D 115 -6.39 -9.02 -30.49
C ARG D 115 -6.72 -8.65 -31.93
N VAL D 116 -5.81 -7.90 -32.55
CA VAL D 116 -5.95 -7.46 -33.93
C VAL D 116 -4.87 -8.16 -34.75
N THR D 117 -5.28 -8.88 -35.78
CA THR D 117 -4.33 -9.63 -36.60
C THR D 117 -3.45 -8.68 -37.41
N GLU D 118 -2.44 -9.26 -38.04
CA GLU D 118 -1.47 -8.54 -38.84
C GLU D 118 -1.53 -8.96 -40.30
N GLN E 1 11.03 5.97 -20.09
CA GLN E 1 10.20 6.56 -19.03
C GLN E 1 9.61 7.90 -19.48
N VAL E 2 8.37 8.16 -19.05
CA VAL E 2 7.69 9.40 -19.41
C VAL E 2 8.26 10.53 -18.56
N GLN E 3 8.66 11.62 -19.20
CA GLN E 3 9.23 12.77 -18.52
C GLN E 3 8.80 14.05 -19.24
N LEU E 4 8.73 15.14 -18.48
CA LEU E 4 8.34 16.45 -19.02
C LEU E 4 9.27 17.50 -18.42
N GLN E 5 10.29 17.88 -19.19
CA GLN E 5 11.27 18.87 -18.75
C GLN E 5 10.82 20.26 -19.20
N GLU E 6 10.83 21.20 -18.26
CA GLU E 6 10.39 22.57 -18.53
C GLU E 6 11.54 23.55 -18.36
N SER E 7 11.72 24.41 -19.34
CA SER E 7 12.74 25.45 -19.33
C SER E 7 12.03 26.79 -19.26
N GLY E 8 12.63 27.76 -18.58
CA GLY E 8 12.02 29.05 -18.45
C GLY E 8 12.97 30.21 -18.21
N PRO E 9 12.47 31.44 -18.41
CA PRO E 9 13.30 32.62 -18.20
C PRO E 9 13.43 32.97 -16.72
N GLY E 10 12.43 32.60 -15.93
CA GLY E 10 12.41 32.85 -14.50
C GLY E 10 12.14 34.27 -14.06
N LEU E 11 12.27 35.24 -14.97
CA LEU E 11 12.04 36.64 -14.64
C LEU E 11 11.51 37.32 -15.89
N VAL E 12 10.32 37.93 -15.80
CA VAL E 12 9.69 38.58 -16.93
C VAL E 12 9.31 40.01 -16.56
N LYS E 13 9.56 40.95 -17.48
CA LYS E 13 9.22 42.34 -17.28
C LYS E 13 7.71 42.53 -17.44
N PRO E 14 7.13 43.48 -16.71
CA PRO E 14 5.68 43.70 -16.83
C PRO E 14 5.29 44.16 -18.24
N SER E 15 4.12 43.70 -18.67
CA SER E 15 3.49 43.97 -19.96
C SER E 15 4.16 43.24 -21.12
N GLU E 16 5.24 42.50 -20.90
CA GLU E 16 5.89 41.78 -21.99
C GLU E 16 5.25 40.41 -22.11
N THR E 17 5.82 39.52 -22.92
CA THR E 17 5.27 38.19 -23.15
C THR E 17 6.09 37.07 -22.55
N LEU E 18 5.42 36.15 -21.86
CA LEU E 18 6.05 34.97 -21.28
C LEU E 18 6.26 33.96 -22.41
N SER E 19 7.36 33.19 -22.33
CA SER E 19 7.67 32.24 -23.42
C SER E 19 8.08 30.86 -22.91
N LEU E 20 7.32 30.29 -21.98
CA LEU E 20 7.66 28.96 -21.47
C LEU E 20 7.62 27.90 -22.57
N THR E 21 8.46 26.87 -22.41
CA THR E 21 8.57 25.76 -23.35
C THR E 21 8.75 24.47 -22.56
N CYS E 22 7.99 23.44 -22.92
CA CYS E 22 8.05 22.15 -22.23
C CYS E 22 8.52 21.07 -23.21
N THR E 23 9.68 20.49 -22.93
CA THR E 23 10.26 19.44 -23.76
C THR E 23 9.79 18.09 -23.24
N VAL E 24 9.34 17.22 -24.14
CA VAL E 24 8.81 15.92 -23.80
C VAL E 24 9.69 14.79 -24.34
N SER E 25 9.67 13.66 -23.62
CA SER E 25 10.40 12.46 -23.99
C SER E 25 9.73 11.29 -23.32
N GLY E 26 9.94 10.10 -23.88
CA GLY E 26 9.37 8.88 -23.33
C GLY E 26 7.94 8.56 -23.74
N PHE E 27 7.23 9.47 -24.41
CA PHE E 27 5.87 9.18 -24.83
C PHE E 27 5.54 9.96 -26.09
N SER E 28 4.82 9.29 -27.00
CA SER E 28 4.43 9.88 -28.27
C SER E 28 3.60 11.15 -28.05
N LEU E 29 4.05 12.26 -28.62
CA LEU E 29 3.32 13.51 -28.49
C LEU E 29 2.01 13.48 -29.24
N THR E 30 1.85 12.54 -30.18
CA THR E 30 0.63 12.42 -30.96
C THR E 30 -0.40 11.53 -30.28
N SER E 31 0.01 10.72 -29.30
CA SER E 31 -0.92 9.83 -28.63
C SER E 31 -1.63 10.51 -27.45
N TYR E 32 -0.93 11.34 -26.69
CA TYR E 32 -1.50 12.00 -25.54
C TYR E 32 -1.45 13.52 -25.66
N GLY E 33 -2.16 14.18 -24.75
CA GLY E 33 -2.21 15.63 -24.70
C GLY E 33 -1.38 16.19 -23.56
N VAL E 34 -1.04 17.47 -23.63
CA VAL E 34 -0.22 18.11 -22.60
C VAL E 34 -0.93 19.38 -22.16
N HIS E 35 -1.00 19.59 -20.84
CA HIS E 35 -1.65 20.75 -20.26
C HIS E 35 -0.63 21.68 -19.61
N TRP E 36 -1.12 22.85 -19.21
CA TRP E 36 -0.32 23.86 -18.53
C TRP E 36 -1.12 24.32 -17.33
N ILE E 37 -0.47 24.34 -16.16
CA ILE E 37 -1.12 24.74 -14.91
C ILE E 37 -0.25 25.78 -14.21
N ARG E 38 -0.91 26.72 -13.54
CA ARG E 38 -0.25 27.80 -12.83
C ARG E 38 -0.55 27.73 -11.34
N GLN E 39 0.43 28.10 -10.53
CA GLN E 39 0.30 28.08 -9.06
C GLN E 39 0.87 29.37 -8.46
N PRO E 40 0.03 30.36 -8.15
CA PRO E 40 0.51 31.60 -7.55
C PRO E 40 1.14 31.33 -6.19
N PRO E 41 1.98 32.25 -5.68
CA PRO E 41 2.63 32.04 -4.38
C PRO E 41 1.69 31.69 -3.24
N GLY E 42 1.92 30.51 -2.65
CA GLY E 42 1.13 30.03 -1.52
C GLY E 42 -0.36 29.89 -1.77
N LYS E 43 -0.77 29.41 -2.94
CA LYS E 43 -2.19 29.26 -3.25
C LYS E 43 -2.42 27.91 -3.93
N GLY E 44 -3.67 27.68 -4.34
CA GLY E 44 -4.03 26.44 -5.00
C GLY E 44 -3.48 26.29 -6.40
N LEU E 45 -4.06 25.36 -7.17
CA LEU E 45 -3.64 25.11 -8.54
C LEU E 45 -4.64 25.72 -9.51
N GLU E 46 -4.14 26.47 -10.49
CA GLU E 46 -4.97 27.13 -11.50
C GLU E 46 -4.62 26.59 -12.88
N TRP E 47 -5.58 25.94 -13.52
CA TRP E 47 -5.39 25.35 -14.84
C TRP E 47 -5.42 26.43 -15.92
N ILE E 48 -4.47 26.34 -16.87
CA ILE E 48 -4.38 27.34 -17.93
C ILE E 48 -4.93 26.88 -19.28
N GLY E 49 -4.36 25.83 -19.86
CA GLY E 49 -4.84 25.39 -21.16
C GLY E 49 -4.48 23.96 -21.48
N VAL E 50 -4.95 23.50 -22.64
CA VAL E 50 -4.74 22.14 -23.11
C VAL E 50 -4.50 22.14 -24.62
N ILE E 51 -3.66 21.20 -25.07
CA ILE E 51 -3.36 21.01 -26.48
C ILE E 51 -3.43 19.50 -26.69
N TYR E 52 -4.53 19.04 -27.28
CA TYR E 52 -4.76 17.61 -27.50
C TYR E 52 -3.87 17.05 -28.60
N ALA E 53 -4.04 15.74 -28.82
CA ALA E 53 -3.27 15.02 -29.82
C ALA E 53 -3.45 15.61 -31.22
N ASP E 54 -4.70 15.65 -31.69
CA ASP E 54 -4.98 16.19 -33.02
C ASP E 54 -4.48 17.61 -33.18
N GLY E 55 -4.40 18.35 -32.08
CA GLY E 55 -3.95 19.73 -32.12
C GLY E 55 -5.14 20.64 -32.03
N SER E 56 -5.38 21.18 -30.84
CA SER E 56 -6.49 22.08 -30.58
C SER E 56 -6.16 22.80 -29.29
N THR E 57 -7.00 23.76 -28.93
CA THR E 57 -6.73 24.52 -27.71
C THR E 57 -8.00 24.73 -26.92
N ASN E 58 -7.80 24.87 -25.61
CA ASN E 58 -8.88 25.14 -24.66
C ASN E 58 -8.23 25.94 -23.54
N TYR E 59 -8.35 27.25 -23.62
CA TYR E 59 -7.77 28.14 -22.63
C TYR E 59 -8.80 28.52 -21.59
N ASN E 60 -8.32 28.88 -20.41
CA ASN E 60 -9.20 29.32 -19.36
C ASN E 60 -9.82 30.62 -19.85
N PRO E 61 -11.14 30.70 -20.01
CA PRO E 61 -11.75 31.95 -20.49
C PRO E 61 -11.22 33.18 -19.79
N SER E 62 -10.92 33.08 -18.49
CA SER E 62 -10.36 34.19 -17.75
C SER E 62 -8.95 34.53 -18.22
N LEU E 63 -8.39 33.73 -19.13
CA LEU E 63 -7.06 33.96 -19.68
C LEU E 63 -7.05 33.90 -21.20
N LYS E 64 -8.13 33.45 -21.84
CA LYS E 64 -8.18 33.38 -23.29
C LYS E 64 -7.92 34.76 -23.88
N SER E 65 -7.48 34.78 -25.14
CA SER E 65 -7.11 35.96 -25.91
C SER E 65 -5.77 36.48 -25.41
N ARG E 66 -5.23 35.88 -24.36
CA ARG E 66 -3.95 36.22 -23.76
C ARG E 66 -3.02 35.02 -23.74
N VAL E 67 -3.50 33.83 -24.09
CA VAL E 67 -2.73 32.60 -24.10
C VAL E 67 -2.71 32.01 -25.50
N THR E 68 -1.62 31.30 -25.80
CA THR E 68 -1.43 30.63 -27.08
C THR E 68 -0.48 29.46 -26.82
N ILE E 69 -0.98 28.24 -27.00
CA ILE E 69 -0.19 27.03 -26.78
C ILE E 69 0.12 26.42 -28.14
N SER E 70 1.37 26.01 -28.33
CA SER E 70 1.81 25.42 -29.58
C SER E 70 2.62 24.17 -29.31
N LYS E 71 2.76 23.33 -30.34
CA LYS E 71 3.50 22.08 -30.23
C LYS E 71 4.33 21.85 -31.48
N ASP E 72 5.48 21.20 -31.27
CA ASP E 72 6.40 20.84 -32.34
C ASP E 72 6.81 19.41 -32.05
N THR E 73 6.50 18.49 -32.96
CA THR E 73 6.82 17.08 -32.72
C THR E 73 8.27 16.74 -33.03
N SER E 74 8.92 17.44 -33.96
CA SER E 74 10.32 17.12 -34.26
C SER E 74 11.23 17.49 -33.10
N LYS E 75 10.91 18.59 -32.42
CA LYS E 75 11.68 19.05 -31.28
C LYS E 75 11.16 18.50 -29.96
N ASN E 76 10.07 17.73 -29.99
CA ASN E 76 9.46 17.15 -28.78
C ASN E 76 9.13 18.23 -27.76
N GLN E 77 8.73 19.41 -28.24
CA GLN E 77 8.44 20.54 -27.38
C GLN E 77 6.98 20.95 -27.45
N VAL E 78 6.57 21.66 -26.40
CA VAL E 78 5.24 22.24 -26.22
C VAL E 78 5.48 23.60 -25.60
N SER E 79 4.98 24.66 -26.23
CA SER E 79 5.22 26.01 -25.75
C SER E 79 3.96 26.66 -25.17
N LEU E 80 4.21 27.65 -24.31
CA LEU E 80 3.19 28.44 -23.65
C LEU E 80 3.63 29.89 -23.71
N LYS E 81 2.77 30.77 -24.22
CA LYS E 81 3.08 32.18 -24.35
C LYS E 81 1.98 33.04 -23.74
N LEU E 82 2.33 33.83 -22.73
CA LEU E 82 1.42 34.73 -22.04
C LEU E 82 1.86 36.16 -22.34
N SER E 83 1.01 36.91 -23.05
CA SER E 83 1.31 38.29 -23.43
C SER E 83 0.67 39.28 -22.46
N SER E 84 1.28 40.46 -22.36
CA SER E 84 0.79 41.55 -21.50
C SER E 84 0.63 41.04 -20.06
N VAL E 85 1.76 40.65 -19.49
CA VAL E 85 1.83 40.09 -18.15
C VAL E 85 1.90 41.17 -17.08
N THR E 86 1.35 40.83 -15.90
CA THR E 86 1.33 41.70 -14.72
C THR E 86 1.78 40.88 -13.52
N ALA E 87 1.68 41.46 -12.31
CA ALA E 87 2.09 40.73 -11.12
C ALA E 87 1.19 39.53 -10.86
N ALA E 88 -0.06 39.58 -11.34
CA ALA E 88 -0.98 38.47 -11.14
C ALA E 88 -0.50 37.19 -11.80
N ASP E 89 0.45 37.29 -12.74
CA ASP E 89 0.97 36.12 -13.43
C ASP E 89 2.23 35.55 -12.78
N THR E 90 2.77 36.19 -11.74
CA THR E 90 3.94 35.67 -11.06
C THR E 90 3.55 34.38 -10.39
N ALA E 91 4.02 33.26 -10.90
CA ALA E 91 3.66 31.96 -10.33
C ALA E 91 4.53 30.88 -10.94
N VAL E 92 4.28 29.64 -10.49
CA VAL E 92 4.98 28.46 -10.96
C VAL E 92 4.09 27.78 -12.00
N TYR E 93 4.67 27.45 -13.15
CA TYR E 93 3.93 26.84 -14.24
C TYR E 93 4.33 25.38 -14.40
N TYR E 94 3.35 24.53 -14.66
CA TYR E 94 3.56 23.09 -14.80
C TYR E 94 2.96 22.58 -16.10
N CYS E 95 3.75 21.80 -16.85
CA CYS E 95 3.26 21.16 -18.07
C CYS E 95 3.01 19.72 -17.66
N ALA E 96 1.85 19.17 -18.04
CA ALA E 96 1.55 17.81 -17.64
C ALA E 96 0.82 17.06 -18.74
N ARG E 97 0.99 15.74 -18.73
CA ARG E 97 0.38 14.84 -19.69
C ARG E 97 -1.10 14.64 -19.41
N ALA E 98 -1.74 13.86 -20.27
CA ALA E 98 -3.15 13.51 -20.19
C ALA E 98 -3.24 12.08 -20.70
N TYR E 99 -3.84 11.19 -19.92
CA TYR E 99 -3.92 9.79 -20.28
C TYR E 99 -5.35 9.32 -20.51
N GLY E 100 -5.58 8.64 -21.64
CA GLY E 100 -6.86 8.07 -21.98
C GLY E 100 -7.80 8.96 -22.76
N ASN E 101 -8.92 8.36 -23.17
CA ASN E 101 -9.95 9.08 -23.91
C ASN E 101 -10.59 10.12 -22.99
N TYR E 102 -11.22 9.64 -21.92
CA TYR E 102 -11.77 10.52 -20.89
C TYR E 102 -10.54 10.65 -19.99
N TRP E 103 -9.68 11.58 -20.36
CA TRP E 103 -8.38 11.80 -19.74
C TRP E 103 -8.44 12.19 -18.27
N TYR E 104 -7.24 12.24 -17.69
CA TYR E 104 -6.93 12.61 -16.33
C TYR E 104 -5.43 12.88 -16.31
N ILE E 105 -5.00 14.00 -15.73
CA ILE E 105 -3.58 14.33 -15.68
C ILE E 105 -2.85 13.30 -14.83
N ASP E 106 -1.89 12.59 -15.42
CA ASP E 106 -1.15 11.56 -14.71
C ASP E 106 0.28 11.96 -14.34
N VAL E 107 1.08 12.43 -15.29
CA VAL E 107 2.45 12.81 -15.04
C VAL E 107 2.61 14.31 -15.21
N TRP E 108 3.30 14.95 -14.26
CA TRP E 108 3.55 16.38 -14.26
C TRP E 108 5.03 16.65 -14.50
N GLY E 109 5.33 17.91 -14.82
CA GLY E 109 6.69 18.34 -15.02
C GLY E 109 7.22 18.95 -13.73
N GLN E 110 8.55 19.11 -13.68
CA GLN E 110 9.13 19.69 -12.48
C GLN E 110 8.68 21.13 -12.26
N GLY E 111 8.19 21.79 -13.31
CA GLY E 111 7.72 23.15 -13.21
C GLY E 111 8.87 24.16 -13.18
N THR E 112 8.51 25.40 -13.46
CA THR E 112 9.47 26.50 -13.46
C THR E 112 8.77 27.71 -12.85
N THR E 113 9.47 28.38 -11.94
CA THR E 113 8.90 29.56 -11.28
C THR E 113 9.23 30.82 -12.09
N VAL E 114 8.22 31.67 -12.25
CA VAL E 114 8.35 32.90 -13.01
C VAL E 114 7.94 34.07 -12.13
N THR E 115 8.85 35.02 -11.95
CA THR E 115 8.60 36.23 -11.17
C THR E 115 8.44 37.37 -12.17
N VAL E 116 7.43 38.21 -11.95
CA VAL E 116 7.16 39.32 -12.86
C VAL E 116 7.43 40.62 -12.13
N SER E 117 8.52 41.28 -12.52
CA SER E 117 8.93 42.55 -11.93
C SER E 117 10.11 43.09 -12.72
N SER E 118 10.36 44.38 -12.56
CA SER E 118 11.48 45.05 -13.21
C SER E 118 12.58 45.16 -12.15
N ALA E 119 13.32 44.06 -11.98
CA ALA E 119 14.38 44.01 -10.99
C ALA E 119 15.51 43.16 -11.54
N SER E 120 16.66 43.78 -11.78
CA SER E 120 17.82 43.10 -12.31
C SER E 120 18.17 41.86 -11.49
N THR E 121 18.25 40.72 -12.18
CA THR E 121 18.58 39.46 -11.53
C THR E 121 19.89 39.58 -10.77
N LYS E 122 19.92 39.07 -9.54
CA LYS E 122 21.13 39.14 -8.73
C LYS E 122 21.49 37.75 -8.24
N GLY E 123 22.75 37.37 -8.44
CA GLY E 123 23.25 36.07 -8.04
C GLY E 123 23.36 35.95 -6.54
N PRO E 124 23.15 34.74 -6.01
CA PRO E 124 23.23 34.53 -4.57
C PRO E 124 24.67 34.52 -4.07
N SER E 125 24.79 34.77 -2.76
CA SER E 125 26.07 34.78 -2.06
C SER E 125 25.95 33.76 -0.94
N VAL E 126 26.73 32.69 -1.00
CA VAL E 126 26.69 31.61 -0.03
C VAL E 126 27.77 31.79 1.03
N PHE E 127 27.34 31.82 2.29
CA PHE E 127 28.17 31.94 3.47
C PHE E 127 28.00 30.67 4.30
N PRO E 128 29.08 30.10 4.81
CA PRO E 128 28.96 28.87 5.59
C PRO E 128 28.48 29.09 7.01
N LEU E 129 27.97 28.01 7.59
CA LEU E 129 27.49 27.94 8.96
C LEU E 129 28.31 26.79 9.55
N ALA E 130 29.50 27.13 10.05
CA ALA E 130 30.46 26.18 10.60
C ALA E 130 30.05 25.72 12.00
N PRO E 131 30.24 24.44 12.30
CA PRO E 131 29.91 23.93 13.63
C PRO E 131 30.97 24.32 14.65
N CYS E 132 30.54 24.36 15.91
CA CYS E 132 31.45 24.71 16.99
C CYS E 132 31.48 23.63 18.07
N ALA E 141 25.89 17.73 16.47
CA ALA E 141 26.51 18.52 15.42
C ALA E 141 25.47 19.09 14.46
N ALA E 142 25.76 20.27 13.92
CA ALA E 142 24.85 20.93 12.99
C ALA E 142 25.62 21.96 12.18
N LEU E 143 25.51 21.88 10.85
CA LEU E 143 26.19 22.80 9.95
C LEU E 143 25.26 23.14 8.81
N GLY E 144 25.59 24.21 8.10
CA GLY E 144 24.75 24.60 6.99
C GLY E 144 25.38 25.66 6.12
N CYS E 145 24.57 26.19 5.20
CA CYS E 145 24.98 27.22 4.26
C CYS E 145 23.94 28.33 4.25
N LEU E 146 24.40 29.58 4.24
CA LEU E 146 23.52 30.74 4.25
C LEU E 146 23.47 31.37 2.85
N VAL E 147 22.40 31.10 2.12
CA VAL E 147 22.19 31.64 0.79
C VAL E 147 21.43 32.95 0.97
N LYS E 148 22.15 34.07 0.96
CA LYS E 148 21.55 35.37 1.19
C LYS E 148 21.70 36.31 0.00
N ASP E 149 20.79 37.28 -0.06
CA ASP E 149 20.78 38.36 -1.06
C ASP E 149 20.72 37.86 -2.50
N TYR E 150 19.59 37.23 -2.86
CA TYR E 150 19.43 36.77 -4.24
C TYR E 150 18.03 37.12 -4.72
N PHE E 151 17.89 37.21 -6.04
CA PHE E 151 16.63 37.53 -6.71
C PHE E 151 16.71 37.16 -8.18
N PRO E 152 15.65 36.59 -8.78
CA PRO E 152 14.38 36.20 -8.17
C PRO E 152 14.37 34.75 -7.69
N GLU E 153 13.18 34.24 -7.38
CA GLU E 153 13.02 32.86 -6.95
C GLU E 153 13.22 31.92 -8.13
N PRO E 154 13.62 30.67 -7.88
CA PRO E 154 13.96 30.01 -6.64
C PRO E 154 15.46 29.69 -6.54
N VAL E 155 15.87 29.12 -5.41
CA VAL E 155 17.24 28.70 -5.18
C VAL E 155 17.19 27.28 -4.65
N THR E 156 17.75 26.35 -5.40
CA THR E 156 17.79 24.95 -5.00
C THR E 156 19.15 24.65 -4.39
N VAL E 157 19.19 23.71 -3.46
CA VAL E 157 20.44 23.37 -2.80
C VAL E 157 20.37 21.93 -2.31
N SER E 158 21.50 21.22 -2.48
CA SER E 158 21.67 19.85 -2.05
C SER E 158 22.92 19.79 -1.21
N TRP E 159 23.30 18.58 -0.78
CA TRP E 159 24.49 18.41 0.04
C TRP E 159 25.26 17.19 -0.45
N ASN E 160 26.58 17.36 -0.55
CA ASN E 160 27.48 16.30 -1.02
C ASN E 160 27.01 15.72 -2.35
N SER E 161 26.53 16.60 -3.23
CA SER E 161 26.04 16.29 -4.57
C SER E 161 24.79 15.42 -4.59
N GLY E 162 24.05 15.29 -3.49
CA GLY E 162 22.82 14.52 -3.46
C GLY E 162 22.83 13.32 -2.53
N ALA E 163 24.01 12.77 -2.25
CA ALA E 163 24.09 11.59 -1.37
C ALA E 163 23.52 11.87 0.02
N LEU E 164 23.94 12.97 0.64
CA LEU E 164 23.47 13.32 1.98
C LEU E 164 22.01 13.75 1.94
N THR E 165 21.12 12.92 2.47
CA THR E 165 19.69 13.22 2.49
C THR E 165 19.09 13.29 3.89
N SER E 166 19.38 12.31 4.75
CA SER E 166 18.80 12.27 6.09
C SER E 166 19.31 13.41 6.98
N GLY E 167 18.38 14.06 7.67
CA GLY E 167 18.69 15.16 8.57
C GLY E 167 18.76 16.53 7.94
N VAL E 168 18.60 16.64 6.63
CA VAL E 168 18.68 17.93 5.96
C VAL E 168 17.38 18.71 6.16
N HIS E 169 17.51 20.03 6.28
CA HIS E 169 16.36 20.92 6.47
C HIS E 169 16.64 22.20 5.69
N THR E 170 15.90 22.41 4.61
CA THR E 170 16.04 23.60 3.77
C THR E 170 14.79 24.45 4.00
N PHE E 171 14.96 25.55 4.72
CA PHE E 171 13.86 26.43 5.04
C PHE E 171 13.39 27.21 3.81
N PRO E 172 12.12 27.57 3.74
CA PRO E 172 11.62 28.36 2.61
C PRO E 172 12.30 29.72 2.57
N ALA E 173 12.49 30.23 1.35
CA ALA E 173 13.14 31.53 1.18
C ALA E 173 12.31 32.64 1.83
N VAL E 174 13.01 33.65 2.31
CA VAL E 174 12.39 34.80 2.95
C VAL E 174 12.77 36.05 2.18
N LEU E 175 11.83 36.98 2.05
CA LEU E 175 12.06 38.22 1.34
C LEU E 175 12.52 39.26 2.35
N GLN E 176 13.72 39.81 2.14
CA GLN E 176 14.29 40.79 3.03
C GLN E 176 13.80 42.19 2.65
N SER E 177 13.94 43.12 3.61
CA SER E 177 13.52 44.50 3.37
C SER E 177 14.10 45.08 2.09
N SER E 178 15.30 44.65 1.72
CA SER E 178 15.96 45.10 0.50
C SER E 178 15.36 44.48 -0.76
N GLY E 179 14.28 43.71 -0.63
CA GLY E 179 13.65 43.07 -1.76
C GLY E 179 14.37 41.86 -2.31
N LEU E 180 15.57 41.56 -1.80
CA LEU E 180 16.35 40.42 -2.25
C LEU E 180 16.04 39.21 -1.39
N TYR E 181 15.65 38.11 -2.03
CA TYR E 181 15.34 36.89 -1.28
C TYR E 181 16.60 36.32 -0.63
N SER E 182 16.37 35.47 0.36
CA SER E 182 17.46 34.85 1.11
C SER E 182 16.91 33.64 1.85
N LEU E 183 17.75 32.61 2.00
CA LEU E 183 17.34 31.39 2.68
C LEU E 183 18.56 30.71 3.28
N SER E 184 18.30 29.65 4.06
CA SER E 184 19.33 28.87 4.71
C SER E 184 19.09 27.39 4.43
N SER E 185 20.12 26.60 4.70
CA SER E 185 20.06 25.15 4.48
C SER E 185 21.02 24.53 5.48
N VAL E 186 20.48 23.84 6.48
CA VAL E 186 21.27 23.20 7.52
C VAL E 186 21.14 21.68 7.41
N VAL E 187 22.01 20.97 8.12
CA VAL E 187 22.03 19.51 8.13
C VAL E 187 22.38 19.02 9.52
N THR E 188 21.56 18.10 10.04
CA THR E 188 21.81 17.48 11.34
C THR E 188 22.69 16.28 11.05
N VAL E 189 23.77 16.13 11.81
CA VAL E 189 24.72 15.05 11.56
C VAL E 189 25.35 14.53 12.85
N PRO E 190 25.83 13.29 12.88
CA PRO E 190 26.47 12.78 14.10
C PRO E 190 27.66 13.65 14.49
N SER E 191 27.79 13.89 15.79
CA SER E 191 28.87 14.73 16.29
C SER E 191 30.23 14.10 16.04
N SER E 192 30.34 12.79 16.19
CA SER E 192 31.61 12.11 15.97
C SER E 192 32.06 12.09 14.52
N SER E 193 31.16 12.36 13.58
CA SER E 193 31.51 12.32 12.16
C SER E 193 32.22 13.57 11.66
N LEU E 194 32.41 14.60 12.49
CA LEU E 194 33.10 15.79 12.02
C LEU E 194 34.59 15.61 11.86
N GLY E 195 35.13 14.45 12.22
CA GLY E 195 36.57 14.24 12.10
C GLY E 195 37.04 13.76 10.74
N THR E 196 36.19 13.01 10.02
CA THR E 196 36.61 12.49 8.73
C THR E 196 35.52 12.59 7.66
N LYS E 197 34.66 13.58 7.73
CA LYS E 197 33.59 13.72 6.74
C LYS E 197 33.55 15.14 6.18
N THR E 198 33.41 15.23 4.86
CA THR E 198 33.33 16.50 4.16
C THR E 198 31.87 16.89 3.97
N TYR E 199 31.59 18.18 4.08
CA TYR E 199 30.23 18.70 3.94
C TYR E 199 30.25 19.91 3.03
N THR E 200 29.77 19.75 1.80
CA THR E 200 29.73 20.81 0.81
C THR E 200 28.31 20.93 0.26
N CYS E 201 27.73 22.12 0.38
CA CYS E 201 26.39 22.36 -0.14
C CYS E 201 26.50 22.76 -1.60
N ASN E 202 25.53 22.33 -2.40
CA ASN E 202 25.51 22.63 -3.83
C ASN E 202 24.33 23.55 -4.10
N VAL E 203 24.57 24.85 -3.97
CA VAL E 203 23.53 25.85 -4.19
C VAL E 203 23.37 26.08 -5.69
N ASP E 204 22.15 26.36 -6.11
CA ASP E 204 21.85 26.59 -7.52
C ASP E 204 20.83 27.70 -7.66
N HIS E 205 21.09 28.62 -8.59
CA HIS E 205 20.20 29.76 -8.86
C HIS E 205 20.11 29.88 -10.38
N LYS E 206 19.09 29.24 -10.95
CA LYS E 206 18.93 29.25 -12.41
C LYS E 206 18.75 30.64 -13.02
N PRO E 207 18.01 31.58 -12.43
CA PRO E 207 17.87 32.91 -13.07
C PRO E 207 19.18 33.65 -13.29
N SER E 208 20.28 33.24 -12.65
CA SER E 208 21.57 33.91 -12.83
C SER E 208 22.69 32.96 -13.19
N ASN E 209 22.38 31.69 -13.45
CA ASN E 209 23.38 30.67 -13.79
C ASN E 209 24.47 30.56 -12.73
N THR E 210 24.14 30.90 -11.49
CA THR E 210 25.08 30.81 -10.38
C THR E 210 24.97 29.43 -9.75
N LYS E 211 26.09 28.71 -9.72
CA LYS E 211 26.15 27.35 -9.16
C LYS E 211 27.32 27.35 -8.18
N VAL E 212 27.03 27.64 -6.93
CA VAL E 212 28.04 27.70 -5.88
C VAL E 212 28.17 26.36 -5.17
N ASP E 213 29.41 26.00 -4.90
CA ASP E 213 29.77 24.77 -4.17
C ASP E 213 30.69 25.24 -3.06
N LYS E 214 30.24 25.12 -1.81
CA LYS E 214 31.03 25.58 -0.67
C LYS E 214 31.17 24.48 0.36
N ARG E 215 32.42 24.17 0.72
CA ARG E 215 32.69 23.17 1.75
C ARG E 215 32.49 23.80 3.11
N VAL E 216 31.87 23.05 4.02
CA VAL E 216 31.58 23.53 5.37
C VAL E 216 32.54 22.81 6.33
N GLU E 217 33.58 23.52 6.76
CA GLU E 217 34.56 23.00 7.69
C GLU E 217 34.21 23.45 9.11
N SER E 218 35.07 23.10 10.05
CA SER E 218 34.92 23.46 11.44
C SER E 218 35.90 24.57 11.78
N LYS E 219 35.67 25.22 12.92
CA LYS E 219 36.56 26.31 13.34
C LYS E 219 37.96 25.80 13.71
N ASP F 1 -17.86 27.94 -15.02
CA ASP F 1 -16.85 27.35 -14.15
C ASP F 1 -17.47 26.44 -13.09
N ILE F 2 -16.96 25.22 -12.99
CA ILE F 2 -17.42 24.28 -11.98
C ILE F 2 -16.58 24.52 -10.73
N VAL F 3 -17.23 24.87 -9.63
CA VAL F 3 -16.54 25.18 -8.39
C VAL F 3 -16.30 23.91 -7.58
N MET F 4 -15.03 23.60 -7.35
CA MET F 4 -14.62 22.45 -6.55
C MET F 4 -14.30 22.97 -5.16
N THR F 5 -14.93 22.40 -4.14
CA THR F 5 -14.73 22.85 -2.76
C THR F 5 -14.35 21.71 -1.83
N GLN F 6 -13.06 21.58 -1.52
CA GLN F 6 -12.63 20.55 -0.59
C GLN F 6 -13.14 20.95 0.79
N SER F 7 -13.74 20.00 1.51
CA SER F 7 -14.34 20.33 2.81
C SER F 7 -13.35 20.71 3.89
N PRO F 8 -12.44 19.84 4.35
CA PRO F 8 -11.57 20.27 5.45
C PRO F 8 -10.42 21.14 4.95
N ASP F 9 -10.34 22.38 5.44
CA ASP F 9 -9.24 23.24 5.06
C ASP F 9 -7.92 22.74 5.65
N SER F 10 -8.02 21.97 6.73
CA SER F 10 -6.89 21.39 7.45
C SER F 10 -7.46 20.38 8.43
N LEU F 11 -6.74 19.28 8.64
CA LEU F 11 -7.19 18.27 9.58
C LEU F 11 -5.96 17.50 10.08
N ALA F 12 -5.74 17.57 11.39
CA ALA F 12 -4.62 16.88 12.02
C ALA F 12 -5.08 15.51 12.48
N VAL F 13 -4.40 14.47 12.02
CA VAL F 13 -4.73 13.09 12.36
C VAL F 13 -3.47 12.41 12.87
N SER F 14 -3.59 11.77 14.03
CA SER F 14 -2.45 11.09 14.64
C SER F 14 -1.90 10.01 13.72
N LEU F 15 -0.61 9.70 13.91
CA LEU F 15 0.07 8.67 13.11
C LEU F 15 -0.62 7.33 13.22
N GLY F 16 -1.19 6.85 12.13
CA GLY F 16 -1.86 5.56 12.11
C GLY F 16 -3.38 5.61 12.06
N GLU F 17 -3.97 6.80 12.08
CA GLU F 17 -5.42 6.92 12.04
C GLU F 17 -5.89 7.25 10.63
N ARG F 18 -7.15 6.96 10.35
CA ARG F 18 -7.71 7.16 9.03
C ARG F 18 -8.12 8.61 8.80
N ALA F 19 -7.62 9.19 7.71
CA ALA F 19 -7.91 10.55 7.30
C ALA F 19 -8.96 10.52 6.19
N THR F 20 -9.78 11.57 6.14
CA THR F 20 -10.85 11.64 5.14
C THR F 20 -10.98 13.07 4.63
N ILE F 21 -10.99 13.23 3.30
CA ILE F 21 -11.11 14.52 2.64
C ILE F 21 -12.32 14.48 1.73
N ASN F 22 -13.19 15.48 1.81
CA ASN F 22 -14.40 15.56 1.00
C ASN F 22 -14.29 16.68 -0.02
N CYS F 23 -14.46 16.34 -1.28
CA CYS F 23 -14.43 17.29 -2.38
C CYS F 23 -15.84 17.38 -2.93
N LYS F 24 -16.42 18.58 -2.90
CA LYS F 24 -17.78 18.79 -3.39
C LYS F 24 -17.74 19.66 -4.64
N SER F 25 -18.32 19.13 -5.73
CA SER F 25 -18.38 19.84 -6.99
C SER F 25 -19.67 20.64 -7.09
N SER F 26 -19.59 21.77 -7.80
CA SER F 26 -20.78 22.59 -7.98
C SER F 26 -21.77 21.98 -8.96
N GLU F 27 -21.36 20.95 -9.70
CA GLU F 27 -22.25 20.29 -10.66
C GLU F 27 -21.70 18.91 -10.98
N SER F 28 -22.52 18.12 -11.68
CA SER F 28 -22.16 16.76 -12.06
C SER F 28 -20.92 16.68 -12.96
N VAL F 29 -19.88 16.10 -12.37
CA VAL F 29 -18.53 15.80 -12.84
C VAL F 29 -18.37 14.32 -12.55
N SER F 30 -19.47 13.59 -12.71
CA SER F 30 -19.83 12.27 -12.21
C SER F 30 -18.70 11.28 -11.97
N ASN F 31 -17.82 10.97 -12.90
CA ASN F 31 -16.78 10.07 -12.39
C ASN F 31 -15.41 10.49 -12.90
N ASP F 32 -15.29 11.68 -13.48
CA ASP F 32 -14.03 12.19 -13.98
C ASP F 32 -13.37 13.10 -12.94
N VAL F 33 -13.03 12.50 -11.81
CA VAL F 33 -12.38 13.20 -10.70
C VAL F 33 -11.07 12.51 -10.39
N ALA F 34 -10.03 13.30 -10.14
CA ALA F 34 -8.71 12.80 -9.82
C ALA F 34 -8.18 13.47 -8.57
N TRP F 35 -7.46 12.72 -7.76
CA TRP F 35 -6.89 13.21 -6.52
C TRP F 35 -5.37 13.28 -6.65
N TYR F 36 -4.80 14.41 -6.23
CA TYR F 36 -3.37 14.64 -6.31
C TYR F 36 -2.82 14.99 -4.94
N GLN F 37 -1.55 14.64 -4.73
CA GLN F 37 -0.83 14.91 -3.50
C GLN F 37 0.32 15.84 -3.83
N GLN F 38 0.57 16.84 -2.99
CA GLN F 38 1.65 17.78 -3.28
C GLN F 38 2.28 18.29 -2.00
N LYS F 39 3.57 18.10 -1.90
CA LYS F 39 4.51 18.48 -0.86
C LYS F 39 5.21 19.77 -1.30
N PRO F 40 5.64 20.60 -0.34
CA PRO F 40 6.29 21.88 -0.67
C PRO F 40 7.32 21.83 -1.79
N GLY F 41 7.17 22.75 -2.75
CA GLY F 41 8.08 22.85 -3.88
C GLY F 41 8.21 21.61 -4.73
N GLN F 42 7.15 20.79 -4.80
CA GLN F 42 7.22 19.57 -5.60
C GLN F 42 6.03 19.47 -6.53
N PRO F 43 6.22 18.96 -7.74
CA PRO F 43 5.11 18.81 -8.68
C PRO F 43 4.09 17.82 -8.15
N PRO F 44 2.79 18.08 -8.34
CA PRO F 44 1.76 17.16 -7.84
C PRO F 44 1.95 15.74 -8.33
N LYS F 45 1.49 14.78 -7.52
CA LYS F 45 1.57 13.35 -7.80
C LYS F 45 0.16 12.79 -7.84
N LEU F 46 -0.16 12.06 -8.91
CA LEU F 46 -1.50 11.49 -9.06
C LEU F 46 -1.68 10.31 -8.10
N LEU F 47 -2.82 10.28 -7.41
CA LEU F 47 -3.14 9.23 -6.47
C LEU F 47 -4.32 8.36 -6.92
N ILE F 48 -5.46 8.99 -7.20
CA ILE F 48 -6.67 8.28 -7.61
C ILE F 48 -7.19 8.90 -8.90
N ASN F 49 -7.52 8.07 -9.87
CA ASN F 49 -8.06 8.51 -11.14
C ASN F 49 -9.45 7.91 -11.32
N TYR F 50 -10.33 8.67 -11.98
CA TYR F 50 -11.72 8.28 -12.21
C TYR F 50 -12.50 8.15 -10.91
N ALA F 51 -11.91 8.63 -9.81
CA ALA F 51 -12.41 8.70 -8.44
C ALA F 51 -12.44 7.36 -7.70
N PHE F 52 -12.20 6.25 -8.38
CA PHE F 52 -12.15 4.95 -7.73
C PHE F 52 -10.81 4.25 -7.87
N HIS F 53 -10.33 4.09 -9.10
CA HIS F 53 -9.10 3.37 -9.36
C HIS F 53 -7.89 4.05 -8.75
N ARG F 54 -7.08 3.26 -8.07
CA ARG F 54 -5.85 3.74 -7.45
C ARG F 54 -4.73 3.63 -8.47
N PHE F 55 -4.04 4.74 -8.69
CA PHE F 55 -2.94 4.74 -9.66
C PHE F 55 -1.88 3.73 -9.25
N THR F 56 -1.30 3.05 -10.24
CA THR F 56 -0.27 2.07 -9.95
C THR F 56 0.91 2.72 -9.25
N GLY F 57 1.31 2.15 -8.12
CA GLY F 57 2.40 2.64 -7.32
C GLY F 57 1.96 3.35 -6.04
N VAL F 58 0.74 3.84 -6.01
CA VAL F 58 0.24 4.53 -4.81
C VAL F 58 -0.06 3.49 -3.74
N PRO F 59 0.38 3.71 -2.49
CA PRO F 59 0.11 2.73 -1.42
C PRO F 59 -1.35 2.33 -1.33
N ASP F 60 -1.58 1.09 -0.90
CA ASP F 60 -2.93 0.56 -0.79
C ASP F 60 -3.78 1.28 0.24
N ARG F 61 -3.16 1.95 1.22
CA ARG F 61 -3.96 2.68 2.20
C ARG F 61 -4.74 3.81 1.56
N PHE F 62 -4.35 4.22 0.35
CA PHE F 62 -5.04 5.27 -0.37
C PHE F 62 -6.29 4.70 -1.03
N SER F 63 -7.36 5.50 -1.05
CA SER F 63 -8.60 5.04 -1.65
C SER F 63 -9.50 6.25 -1.93
N GLY F 64 -10.40 6.07 -2.89
CA GLY F 64 -11.34 7.11 -3.26
C GLY F 64 -12.70 6.51 -3.55
N SER F 65 -13.72 7.36 -3.42
CA SER F 65 -15.10 6.91 -3.67
C SER F 65 -15.96 8.13 -3.94
N GLY F 66 -16.64 8.14 -5.08
CA GLY F 66 -17.48 9.27 -5.39
C GLY F 66 -18.03 9.35 -6.81
N TYR F 67 -19.28 9.79 -6.91
CA TYR F 67 -19.96 9.97 -8.19
C TYR F 67 -20.90 11.16 -8.04
N GLY F 68 -21.07 11.90 -9.13
CA GLY F 68 -21.96 13.05 -9.11
C GLY F 68 -21.33 14.34 -8.59
N THR F 69 -21.73 14.76 -7.38
CA THR F 69 -21.22 16.00 -6.81
C THR F 69 -20.55 15.81 -5.45
N ASP F 70 -20.22 14.58 -5.07
CA ASP F 70 -19.55 14.34 -3.79
C ASP F 70 -18.48 13.28 -4.02
N PHE F 71 -17.24 13.62 -3.66
CA PHE F 71 -16.11 12.72 -3.84
C PHE F 71 -15.26 12.73 -2.59
N THR F 72 -14.77 11.55 -2.21
CA THR F 72 -13.98 11.41 -1.00
C THR F 72 -12.64 10.73 -1.25
N LEU F 73 -11.63 11.19 -0.52
CA LEU F 73 -10.27 10.67 -0.55
C LEU F 73 -10.05 10.09 0.84
N THR F 74 -9.47 8.90 0.93
CA THR F 74 -9.31 8.28 2.24
C THR F 74 -7.98 7.55 2.40
N ILE F 75 -7.21 7.97 3.40
CA ILE F 75 -5.95 7.34 3.76
C ILE F 75 -6.33 6.41 4.89
N SER F 76 -6.44 5.11 4.59
CA SER F 76 -6.84 4.14 5.62
C SER F 76 -6.02 4.25 6.89
N SER F 77 -4.74 4.58 6.78
CA SER F 77 -3.88 4.73 7.94
C SER F 77 -2.81 5.76 7.59
N LEU F 78 -2.93 6.96 8.16
CA LEU F 78 -2.01 8.05 7.88
C LEU F 78 -0.58 7.65 8.26
N GLN F 79 0.38 8.13 7.47
CA GLN F 79 1.79 7.83 7.68
C GLN F 79 2.59 9.13 7.71
N ALA F 80 3.83 9.02 8.18
CA ALA F 80 4.70 10.18 8.28
C ALA F 80 4.96 10.85 6.93
N GLU F 81 4.99 10.07 5.85
CA GLU F 81 5.23 10.61 4.53
C GLU F 81 3.97 11.11 3.82
N ASP F 82 2.81 11.02 4.46
CA ASP F 82 1.56 11.45 3.85
C ASP F 82 1.25 12.92 4.11
N VAL F 83 2.15 13.66 4.76
CA VAL F 83 1.93 15.07 5.05
C VAL F 83 2.11 15.87 3.77
N ALA F 84 1.02 16.39 3.22
CA ALA F 84 1.07 17.17 1.99
C ALA F 84 -0.29 17.82 1.77
N VAL F 85 -0.40 18.53 0.65
CA VAL F 85 -1.63 19.20 0.23
C VAL F 85 -2.29 18.29 -0.80
N TYR F 86 -3.57 18.00 -0.60
CA TYR F 86 -4.32 17.13 -1.49
C TYR F 86 -5.30 17.95 -2.32
N TYR F 87 -5.32 17.70 -3.62
CA TYR F 87 -6.17 18.42 -4.55
C TYR F 87 -7.04 17.48 -5.36
N CYS F 88 -8.31 17.85 -5.50
CA CYS F 88 -9.26 17.10 -6.32
C CYS F 88 -9.40 17.91 -7.61
N HIS F 89 -9.31 17.23 -8.75
CA HIS F 89 -9.36 17.93 -10.03
C HIS F 89 -10.43 17.35 -10.94
N GLN F 90 -11.50 18.11 -11.16
CA GLN F 90 -12.54 17.68 -12.06
C GLN F 90 -12.09 17.98 -13.49
N ALA F 91 -12.39 17.06 -14.39
CA ALA F 91 -12.03 17.23 -15.80
C ALA F 91 -13.24 17.01 -16.69
N TYR F 92 -14.44 17.13 -16.11
CA TYR F 92 -15.68 16.93 -16.84
C TYR F 92 -15.83 17.94 -17.97
N SER F 93 -15.82 19.23 -17.64
CA SER F 93 -15.97 20.27 -18.65
C SER F 93 -15.04 21.43 -18.37
N SER F 94 -14.80 22.23 -19.42
CA SER F 94 -13.92 23.39 -19.37
C SER F 94 -14.64 24.59 -18.75
N PRO F 95 -13.94 25.41 -17.96
CA PRO F 95 -12.52 25.20 -17.65
C PRO F 95 -12.33 24.13 -16.59
N TYR F 96 -11.35 23.25 -16.78
CA TYR F 96 -11.11 22.19 -15.82
C TYR F 96 -10.56 22.85 -14.56
N THR F 97 -11.42 22.98 -13.55
CA THR F 97 -11.08 23.64 -12.30
C THR F 97 -10.44 22.66 -11.32
N PHE F 98 -9.80 23.24 -10.31
CA PHE F 98 -9.12 22.52 -9.25
C PHE F 98 -9.72 22.90 -7.90
N GLY F 99 -9.52 22.02 -6.93
CA GLY F 99 -10.01 22.30 -5.59
C GLY F 99 -9.12 23.32 -4.92
N GLN F 100 -9.52 23.74 -3.72
CA GLN F 100 -8.75 24.74 -2.99
C GLN F 100 -7.56 24.14 -2.25
N GLY F 101 -7.42 22.82 -2.21
CA GLY F 101 -6.31 22.19 -1.52
C GLY F 101 -6.59 21.90 -0.06
N THR F 102 -6.15 20.74 0.42
CA THR F 102 -6.38 20.33 1.80
C THR F 102 -5.05 19.90 2.42
N LYS F 103 -4.59 20.64 3.42
CA LYS F 103 -3.33 20.32 4.09
C LYS F 103 -3.56 19.25 5.16
N LEU F 104 -2.62 18.31 5.24
CA LEU F 104 -2.67 17.24 6.23
C LEU F 104 -1.58 17.48 7.27
N GLU F 105 -1.90 17.18 8.53
CA GLU F 105 -0.99 17.37 9.66
C GLU F 105 -0.66 16.00 10.27
N ILE F 106 0.10 15.98 11.38
CA ILE F 106 0.56 14.72 11.95
C ILE F 106 0.06 14.48 13.38
N LYS F 107 0.08 15.47 14.27
CA LYS F 107 -0.36 15.28 15.66
C LYS F 107 0.46 14.17 16.34
N ARG F 108 1.75 14.44 16.51
CA ARG F 108 2.65 13.50 17.15
C ARG F 108 2.94 13.96 18.58
N THR F 109 3.85 13.26 19.26
CA THR F 109 4.21 13.59 20.63
C THR F 109 5.07 14.86 20.69
N VAL F 110 5.44 15.23 21.92
CA VAL F 110 6.25 16.42 22.15
C VAL F 110 7.73 16.12 21.84
N ALA F 111 8.47 17.20 21.58
CA ALA F 111 9.89 17.08 21.27
C ALA F 111 10.58 18.42 21.56
N ALA F 112 11.64 18.37 22.36
CA ALA F 112 12.37 19.58 22.70
C ALA F 112 13.23 20.01 21.50
N PRO F 113 13.37 21.32 21.27
CA PRO F 113 14.16 21.78 20.11
C PRO F 113 15.67 21.78 20.36
N SER F 114 16.41 21.25 19.39
CA SER F 114 17.87 21.25 19.46
C SER F 114 18.30 22.66 19.03
N VAL F 115 19.01 23.36 19.90
CA VAL F 115 19.42 24.74 19.63
C VAL F 115 20.90 24.80 19.28
N PHE F 116 21.20 25.51 18.18
CA PHE F 116 22.54 25.73 17.68
C PHE F 116 22.63 27.19 17.25
N ILE F 117 23.77 27.81 17.49
CA ILE F 117 23.99 29.21 17.11
C ILE F 117 25.20 29.26 16.20
N PHE F 118 25.16 30.16 15.22
CA PHE F 118 26.24 30.29 14.24
C PHE F 118 26.72 31.73 14.12
N PRO F 119 28.00 32.01 14.34
CA PRO F 119 28.50 33.38 14.18
C PRO F 119 28.58 33.72 12.71
N PRO F 120 28.86 34.97 12.35
CA PRO F 120 28.94 35.31 10.93
C PRO F 120 30.27 34.92 10.33
N SER F 121 30.23 34.39 9.12
CA SER F 121 31.43 33.98 8.44
C SER F 121 32.27 35.19 8.08
N ASP F 122 33.60 35.06 8.21
CA ASP F 122 34.49 36.17 7.89
C ASP F 122 34.28 36.65 6.46
N GLU F 123 33.96 35.74 5.54
CA GLU F 123 33.72 36.15 4.16
C GLU F 123 32.51 37.07 4.08
N GLN F 124 31.48 36.81 4.91
CA GLN F 124 30.31 37.67 4.92
C GLN F 124 30.67 39.06 5.41
N LEU F 125 31.58 39.13 6.41
CA LEU F 125 32.02 40.42 6.93
C LEU F 125 32.88 41.17 5.92
N LYS F 126 33.44 40.48 4.94
CA LYS F 126 34.25 41.13 3.92
C LYS F 126 33.44 42.05 3.03
N SER F 127 32.11 41.97 3.10
CA SER F 127 31.21 42.81 2.32
C SER F 127 30.67 43.99 3.12
N GLY F 128 30.40 43.79 4.41
CA GLY F 128 29.90 44.88 5.24
C GLY F 128 28.69 44.56 6.09
N THR F 129 28.29 43.29 6.15
CA THR F 129 27.15 42.87 6.95
C THR F 129 27.49 41.61 7.73
N ALA F 130 26.61 41.23 8.65
CA ALA F 130 26.81 40.05 9.48
C ALA F 130 25.47 39.48 9.91
N SER F 131 25.18 38.24 9.50
CA SER F 131 23.94 37.57 9.84
C SER F 131 24.20 36.49 10.87
N VAL F 132 23.52 36.58 12.02
CA VAL F 132 23.66 35.61 13.11
C VAL F 132 22.49 34.65 13.00
N VAL F 133 22.78 33.36 12.97
CA VAL F 133 21.77 32.31 12.83
C VAL F 133 21.61 31.54 14.13
N CYS F 134 20.37 31.17 14.44
CA CYS F 134 20.02 30.38 15.62
C CYS F 134 19.05 29.32 15.11
N LEU F 135 19.49 28.06 15.15
CA LEU F 135 18.68 26.96 14.63
C LEU F 135 17.98 26.17 15.73
N LEU F 136 16.68 25.98 15.54
CA LEU F 136 15.82 25.18 16.43
C LEU F 136 15.52 23.95 15.58
N ASN F 137 16.05 22.80 15.97
CA ASN F 137 15.92 21.59 15.18
C ASN F 137 15.09 20.49 15.84
N ASN F 138 14.25 19.86 15.01
CA ASN F 138 13.40 18.71 15.36
C ASN F 138 12.65 18.87 16.68
N PHE F 139 11.75 19.86 16.70
CA PHE F 139 10.92 20.13 17.87
C PHE F 139 9.45 19.93 17.52
N TYR F 140 8.61 20.03 18.53
CA TYR F 140 7.16 19.90 18.38
C TYR F 140 6.45 20.39 19.63
N PRO F 141 5.38 21.19 19.50
CA PRO F 141 4.78 21.69 18.25
C PRO F 141 5.53 22.84 17.57
N ARG F 142 4.85 23.52 16.64
CA ARG F 142 5.45 24.61 15.88
C ARG F 142 5.69 25.86 16.71
N GLU F 143 4.75 26.23 17.57
CA GLU F 143 4.90 27.45 18.35
C GLU F 143 6.17 27.41 19.20
N ALA F 144 7.02 28.42 19.02
CA ALA F 144 8.28 28.54 19.76
C ALA F 144 8.78 29.97 19.61
N LYS F 145 9.29 30.53 20.70
CA LYS F 145 9.81 31.90 20.71
C LYS F 145 11.34 31.89 20.61
N VAL F 146 11.89 32.97 20.04
CA VAL F 146 13.32 33.12 19.83
C VAL F 146 13.68 34.52 20.27
N GLN F 147 14.59 34.66 21.18
CA GLN F 147 14.77 36.00 21.59
C GLN F 147 16.27 36.31 21.43
N TRP F 148 16.67 37.43 20.81
CA TRP F 148 18.06 37.80 20.60
C TRP F 148 18.53 38.81 21.65
N LYS F 149 19.63 38.52 22.33
CA LYS F 149 20.18 39.40 23.37
C LYS F 149 21.62 39.76 23.02
N VAL F 150 21.81 40.82 22.24
CA VAL F 150 23.16 41.25 21.90
C VAL F 150 23.71 42.04 23.08
N ASP F 151 24.90 41.64 23.54
CA ASP F 151 25.55 42.29 24.69
C ASP F 151 24.54 42.44 25.84
N ASN F 152 23.73 41.40 26.03
CA ASN F 152 22.69 41.35 27.08
C ASN F 152 21.69 42.49 26.92
N ALA F 153 20.99 42.48 25.79
CA ALA F 153 19.98 43.49 25.50
C ALA F 153 18.98 42.89 24.51
N LEU F 154 17.70 42.88 24.87
CA LEU F 154 16.68 42.32 24.00
C LEU F 154 16.57 43.08 22.68
N GLN F 155 16.97 42.43 21.59
CA GLN F 155 16.90 43.03 20.27
C GLN F 155 15.48 42.93 19.72
N SER F 156 15.11 43.89 18.87
CA SER F 156 13.77 43.88 18.32
C SER F 156 13.74 44.50 16.92
N GLY F 157 12.96 43.86 16.04
CA GLY F 157 12.75 44.32 14.68
C GLY F 157 13.89 44.15 13.69
N ASN F 158 14.97 43.46 14.06
CA ASN F 158 16.08 43.28 13.13
C ASN F 158 16.41 41.80 12.92
N SER F 159 15.38 40.96 12.95
CA SER F 159 15.56 39.53 12.75
C SER F 159 14.39 38.99 11.93
N GLN F 160 14.61 37.84 11.31
CA GLN F 160 13.59 37.19 10.48
C GLN F 160 13.76 35.69 10.58
N GLU F 161 12.64 34.98 10.66
CA GLU F 161 12.65 33.53 10.78
C GLU F 161 11.95 32.86 9.60
N SER F 162 12.25 31.58 9.44
CA SER F 162 11.69 30.72 8.42
C SER F 162 11.38 29.40 9.10
N VAL F 163 10.23 28.81 8.79
CA VAL F 163 9.82 27.56 9.41
C VAL F 163 9.51 26.52 8.34
N THR F 164 10.08 25.34 8.50
CA THR F 164 9.84 24.25 7.57
C THR F 164 8.47 23.63 7.86
N GLU F 165 8.03 22.78 6.95
CA GLU F 165 6.76 22.09 7.12
C GLU F 165 7.02 20.83 7.93
N GLN F 166 6.02 19.95 8.03
CA GLN F 166 6.21 18.73 8.79
C GLN F 166 7.32 17.87 8.18
N ASP F 167 8.30 17.50 9.00
CA ASP F 167 9.40 16.68 8.52
C ASP F 167 8.87 15.35 7.97
N SER F 168 9.58 14.82 6.98
CA SER F 168 9.15 13.59 6.34
C SER F 168 9.25 12.36 7.25
N LYS F 169 10.30 12.26 8.06
CA LYS F 169 10.48 11.08 8.90
C LYS F 169 10.03 11.25 10.36
N ASP F 170 10.59 12.23 11.08
CA ASP F 170 10.23 12.40 12.49
C ASP F 170 8.97 13.23 12.71
N SER F 171 8.35 13.73 11.65
CA SER F 171 7.11 14.51 11.74
C SER F 171 7.25 15.76 12.62
N THR F 172 8.47 16.28 12.76
CA THR F 172 8.72 17.46 13.56
C THR F 172 8.82 18.70 12.67
N TYR F 173 9.12 19.82 13.32
CA TYR F 173 9.27 21.11 12.66
C TYR F 173 10.71 21.59 12.82
N SER F 174 11.01 22.74 12.21
CA SER F 174 12.34 23.33 12.27
C SER F 174 12.20 24.83 12.07
N LEU F 175 13.04 25.59 12.75
CA LEU F 175 13.02 27.03 12.68
C LEU F 175 14.43 27.57 12.53
N SER F 176 14.56 28.69 11.81
CA SER F 176 15.86 29.31 11.57
C SER F 176 15.72 30.83 11.67
N SER F 177 16.08 31.38 12.82
CA SER F 177 16.06 32.82 13.03
C SER F 177 17.37 33.40 12.50
N THR F 178 17.31 34.61 11.97
CA THR F 178 18.51 35.24 11.42
C THR F 178 18.57 36.70 11.86
N LEU F 179 19.58 37.03 12.68
CA LEU F 179 19.80 38.38 13.16
C LEU F 179 20.82 39.04 12.24
N THR F 180 20.36 40.02 11.47
CA THR F 180 21.24 40.73 10.53
C THR F 180 21.78 41.99 11.18
N LEU F 181 23.10 42.15 11.13
CA LEU F 181 23.77 43.31 11.69
C LEU F 181 24.88 43.74 10.75
N SER F 182 25.20 45.03 10.77
CA SER F 182 26.26 45.54 9.93
C SER F 182 27.61 45.29 10.58
N LYS F 183 28.65 45.17 9.74
CA LYS F 183 29.99 44.91 10.25
C LYS F 183 30.37 45.93 11.33
N ALA F 184 29.85 47.15 11.24
CA ALA F 184 30.16 48.17 12.25
C ALA F 184 29.44 47.86 13.56
N ASP F 185 28.13 47.64 13.49
CA ASP F 185 27.35 47.34 14.69
C ASP F 185 27.75 46.00 15.30
N TYR F 186 28.41 45.13 14.54
CA TYR F 186 28.81 43.83 15.03
C TYR F 186 30.15 43.85 15.76
N GLU F 187 31.08 44.70 15.33
CA GLU F 187 32.40 44.78 15.94
C GLU F 187 32.46 45.69 17.16
N LYS F 188 31.31 46.02 17.76
CA LYS F 188 31.28 46.87 18.94
C LYS F 188 30.48 46.25 20.07
N HIS F 189 30.23 44.94 19.99
CA HIS F 189 29.49 44.20 21.00
C HIS F 189 30.11 42.81 21.04
N LYS F 190 30.40 42.32 22.25
CA LYS F 190 31.06 41.03 22.42
C LYS F 190 30.14 39.81 22.47
N VAL F 191 29.20 39.79 23.42
CA VAL F 191 28.32 38.64 23.60
C VAL F 191 27.07 38.74 22.74
N TYR F 192 26.77 37.64 22.03
CA TYR F 192 25.60 37.48 21.19
C TYR F 192 24.89 36.23 21.70
N ALA F 193 23.64 36.34 22.12
CA ALA F 193 22.93 35.20 22.66
C ALA F 193 21.60 34.98 21.96
N CYS F 194 21.11 33.74 22.10
CA CYS F 194 19.84 33.30 21.52
C CYS F 194 19.11 32.51 22.60
N GLU F 195 18.03 33.08 23.12
CA GLU F 195 17.23 32.44 24.17
C GLU F 195 16.01 31.80 23.53
N VAL F 196 15.98 30.47 23.54
CA VAL F 196 14.89 29.70 22.95
C VAL F 196 14.06 29.09 24.07
N THR F 197 12.74 29.28 23.99
CA THR F 197 11.81 28.72 24.96
C THR F 197 10.71 28.01 24.17
N HIS F 198 10.30 26.84 24.65
CA HIS F 198 9.29 26.07 23.93
C HIS F 198 8.53 25.18 24.91
N GLN F 199 7.43 24.62 24.40
CA GLN F 199 6.55 23.77 25.20
C GLN F 199 7.28 22.59 25.84
N GLY F 200 8.23 22.00 25.13
CA GLY F 200 8.94 20.86 25.66
C GLY F 200 10.16 21.15 26.51
N LEU F 201 10.18 22.31 27.17
CA LEU F 201 11.31 22.70 28.00
C LEU F 201 10.82 23.21 29.35
N SER F 202 11.42 22.69 30.43
CA SER F 202 11.06 23.13 31.77
C SER F 202 11.68 24.48 32.10
N SER F 203 12.65 24.92 31.30
CA SER F 203 13.34 26.18 31.44
C SER F 203 13.87 26.55 30.06
N PRO F 204 14.06 27.85 29.78
CA PRO F 204 14.56 28.23 28.45
C PRO F 204 15.99 27.76 28.22
N VAL F 205 16.29 27.45 26.96
CA VAL F 205 17.62 27.00 26.54
C VAL F 205 18.27 28.18 25.83
N THR F 206 19.35 28.70 26.42
CA THR F 206 20.07 29.83 25.87
C THR F 206 21.39 29.42 25.23
N LYS F 207 21.64 29.95 24.04
CA LYS F 207 22.86 29.71 23.29
C LYS F 207 23.55 31.05 23.07
N SER F 208 24.87 31.02 22.92
CA SER F 208 25.62 32.26 22.72
C SER F 208 27.01 31.94 22.23
N PHE F 209 27.80 33.00 22.06
CA PHE F 209 29.18 32.92 21.60
C PHE F 209 29.83 34.28 21.84
N ASN F 210 31.16 34.27 21.91
CA ASN F 210 31.94 35.47 22.11
C ASN F 210 32.66 35.79 20.80
N ARG F 211 32.47 37.02 20.32
CA ARG F 211 33.08 37.46 19.06
C ARG F 211 34.56 37.09 18.94
#